data_4Q6W
#
_entry.id   4Q6W
#
_cell.length_a   112.638
_cell.length_b   138.041
_cell.length_c   57.251
_cell.angle_alpha   90.00
_cell.angle_beta   90.00
_cell.angle_gamma   90.00
#
_symmetry.space_group_name_H-M   'P 21 21 2'
#
loop_
_entity.id
_entity.type
_entity.pdbx_description
1 polymer 'Putative leu/ile/val-binding protein'
2 non-polymer '3-HYDROXYBENZOIC ACID'
3 non-polymer GLYCEROL
4 non-polymer 1,2-ETHANEDIOL
5 non-polymer 'SULFATE ION'
6 water water
#
_entity_poly.entity_id   1
_entity_poly.type   'polypeptide(L)'
_entity_poly.pdbx_seq_one_letter_code
;SNAWYRKSTTCLAVAAAVLASGAALAADTIKIG(MSE)TSALTGPYNEFGEGNRRAVELAVEQWNAKGGINGKKIEIA
(MSE)LLDDQLNPDRAVQNIRAILDNKDIVGIIGPAGSGP(MSE)LAVID(MSE)VQADGRPY(MSE)NPIAQTPVVTYP
GEKTGEKPRPNVFSFALQNDIEAVA(MSE)GEYLAKKFKRVGIIHESTAYGVTGVDYLAASIAKNGGAKPVATDSYNQGA
QD(MSE)TAQVAR(MSE)KRANVDAIAAIGLGKDLAVLRRT(MSE)ARLNVNVPLAASNGALGQPYQEGAGELTLGTLGT
(MSE)IGAFGNP(MSE)RAPAADFAKAYKAKYGTDRWWGNDPENPQLF(MSE)AISVSNGYDAANILFEGIRLANSTDPK
AVIAAIESIKDYQGVNTAYTFSKERHHGIETDGVKVFEYVKKGDKIRLEPIAQ
;
_entity_poly.pdbx_strand_id   A,B
#
# COMPACT_ATOMS: atom_id res chain seq x y z
N ALA A 27 -6.85 0.79 28.56
CA ALA A 27 -5.50 0.64 29.05
C ALA A 27 -4.52 1.47 28.20
N ASP A 28 -3.49 2.02 28.81
CA ASP A 28 -2.56 2.89 28.10
C ASP A 28 -1.72 2.09 27.12
N THR A 29 -1.43 2.70 25.98
CA THR A 29 -0.65 2.06 24.96
C THR A 29 0.59 2.89 24.68
N ILE A 30 1.57 2.26 24.10
CA ILE A 30 2.76 2.94 23.68
C ILE A 30 2.62 3.30 22.22
N LYS A 31 2.56 4.59 21.96
CA LYS A 31 2.22 5.05 20.62
C LYS A 31 3.43 5.49 19.83
N ILE A 32 3.61 4.94 18.62
CA ILE A 32 4.66 5.42 17.76
C ILE A 32 4.05 6.00 16.48
N GLY A 33 4.84 6.79 15.77
CA GLY A 33 4.39 7.42 14.56
C GLY A 33 5.38 7.16 13.45
N THR A 35 6.21 8.26 9.07
CA THR A 35 5.87 8.81 7.74
C THR A 35 6.89 8.22 6.77
N SER A 36 6.46 7.81 5.58
CA SER A 36 7.40 7.28 4.59
C SER A 36 6.72 7.27 3.24
N ALA A 37 7.41 6.73 2.24
CA ALA A 37 6.90 6.74 0.87
C ALA A 37 5.98 5.54 0.70
N LEU A 38 4.72 5.71 1.05
CA LEU A 38 3.76 4.59 1.02
C LEU A 38 3.14 4.42 -0.37
N THR A 39 3.11 5.49 -1.13
CA THR A 39 2.65 5.43 -2.51
C THR A 39 3.63 6.13 -3.45
N GLY A 40 3.40 5.96 -4.76
CA GLY A 40 4.24 6.57 -5.78
C GLY A 40 5.38 5.66 -6.24
N PRO A 41 6.31 6.20 -7.01
CA PRO A 41 7.29 5.39 -7.74
C PRO A 41 8.41 4.79 -6.87
N TYR A 42 8.56 5.25 -5.64
CA TYR A 42 9.58 4.73 -4.74
C TYR A 42 8.94 4.12 -3.51
N ASN A 43 7.71 3.64 -3.67
CA ASN A 43 7.02 3.11 -2.50
C ASN A 43 7.49 1.74 -2.05
N GLU A 44 8.41 1.11 -2.80
CA GLU A 44 9.03 -0.14 -2.31
C GLU A 44 9.60 0.08 -0.90
N PHE A 45 10.15 1.25 -0.62
CA PHE A 45 10.76 1.54 0.68
C PHE A 45 9.76 1.79 1.81
N GLY A 46 8.78 2.68 1.55
CA GLY A 46 7.83 3.04 2.58
C GLY A 46 6.89 1.86 2.90
N GLU A 47 6.35 1.23 1.88
CA GLU A 47 5.48 0.08 2.14
C GLU A 47 6.29 -1.12 2.71
N GLY A 48 7.51 -1.33 2.23
CA GLY A 48 8.32 -2.39 2.80
C GLY A 48 8.60 -2.15 4.28
N ASN A 49 8.94 -0.92 4.64
CA ASN A 49 9.20 -0.59 6.05
C ASN A 49 7.92 -0.67 6.86
N ARG A 50 6.81 -0.22 6.29
CA ARG A 50 5.54 -0.34 6.99
C ARG A 50 5.22 -1.78 7.38
N ARG A 51 5.36 -2.69 6.42
CA ARG A 51 5.12 -4.11 6.72
C ARG A 51 6.05 -4.63 7.81
N ALA A 52 7.32 -4.22 7.74
CA ALA A 52 8.29 -4.61 8.78
C ALA A 52 7.92 -4.13 10.19
N VAL A 53 7.58 -2.85 10.31
CA VAL A 53 7.24 -2.27 11.59
C VAL A 53 5.95 -2.91 12.11
N GLU A 54 4.95 -3.13 11.27
N GLU A 54 4.96 -3.15 11.26
CA GLU A 54 3.71 -3.77 11.72
CA GLU A 54 3.72 -3.79 11.69
C GLU A 54 4.00 -5.17 12.23
C GLU A 54 4.00 -5.16 12.24
N LEU A 55 4.90 -5.86 11.57
CA LEU A 55 5.26 -7.20 12.01
C LEU A 55 5.99 -7.16 13.35
N ALA A 56 6.93 -6.24 13.51
CA ALA A 56 7.63 -6.10 14.79
C ALA A 56 6.60 -5.78 15.90
N VAL A 57 5.70 -4.84 15.63
CA VAL A 57 4.64 -4.49 16.60
C VAL A 57 3.80 -5.71 17.01
N GLU A 58 3.33 -6.49 16.04
N GLU A 58 3.37 -6.53 16.06
CA GLU A 58 2.55 -7.68 16.37
CA GLU A 58 2.57 -7.74 16.32
C GLU A 58 3.33 -8.69 17.20
C GLU A 58 3.33 -8.72 17.17
N GLN A 59 4.61 -8.86 16.90
CA GLN A 59 5.44 -9.81 17.64
C GLN A 59 5.64 -9.41 19.10
N TRP A 60 5.99 -8.15 19.35
CA TRP A 60 6.11 -7.66 20.73
C TRP A 60 4.78 -7.81 21.44
N ASN A 61 3.71 -7.40 20.75
CA ASN A 61 2.38 -7.44 21.37
C ASN A 61 1.95 -8.85 21.74
N ALA A 62 2.33 -9.82 20.91
CA ALA A 62 1.98 -11.23 21.14
C ALA A 62 2.59 -11.71 22.46
N LYS A 63 3.71 -11.09 22.83
CA LYS A 63 4.41 -11.40 24.08
C LYS A 63 4.00 -10.49 25.25
N GLY A 64 2.98 -9.65 25.06
CA GLY A 64 2.52 -8.82 26.16
C GLY A 64 2.77 -7.34 25.94
N GLY A 65 3.51 -6.98 24.89
CA GLY A 65 3.81 -5.59 24.59
C GLY A 65 5.17 -5.28 25.17
N ILE A 66 5.37 -4.06 25.61
CA ILE A 66 6.62 -3.72 26.27
C ILE A 66 6.35 -3.64 27.76
N ASN A 67 6.89 -4.61 28.50
CA ASN A 67 6.60 -4.72 29.92
C ASN A 67 5.11 -4.61 30.19
N GLY A 68 4.32 -5.30 29.37
CA GLY A 68 2.89 -5.37 29.64
C GLY A 68 2.02 -4.35 28.96
N LYS A 69 2.66 -3.35 28.32
CA LYS A 69 1.94 -2.27 27.69
C LYS A 69 1.97 -2.50 26.17
N LYS A 70 0.80 -2.50 25.54
CA LYS A 70 0.73 -2.81 24.11
C LYS A 70 1.22 -1.62 23.29
N ILE A 71 1.81 -1.91 22.13
CA ILE A 71 2.28 -0.89 21.16
C ILE A 71 1.22 -0.62 20.09
N GLU A 72 1.06 0.63 19.70
CA GLU A 72 0.22 1.00 18.59
C GLU A 72 0.97 1.90 17.63
N ILE A 73 0.84 1.64 16.34
CA ILE A 73 1.22 2.63 15.34
C ILE A 73 0.08 3.62 15.21
N ALA A 74 0.16 4.68 15.99
CA ALA A 74 -0.95 5.64 16.09
C ALA A 74 -1.06 6.47 14.83
N LEU A 76 0.42 6.77 10.65
CA LEU A 76 1.16 6.17 9.54
C LEU A 76 0.89 7.02 8.30
N LEU A 77 1.78 7.98 8.04
CA LEU A 77 1.51 9.00 7.05
C LEU A 77 2.31 8.73 5.80
N ASP A 78 1.85 9.31 4.70
CA ASP A 78 2.44 9.05 3.39
C ASP A 78 3.07 10.33 2.88
N ASP A 79 4.39 10.33 2.71
CA ASP A 79 5.08 11.46 2.07
C ASP A 79 5.54 11.23 0.62
N GLN A 80 5.42 10.01 0.10
CA GLN A 80 5.82 9.73 -1.30
C GLN A 80 7.30 10.06 -1.65
N LEU A 81 8.18 9.98 -0.66
CA LEU A 81 9.60 10.33 -0.85
C LEU A 81 9.78 11.81 -1.24
N ASN A 82 8.75 12.62 -0.98
CA ASN A 82 8.74 14.05 -1.27
C ASN A 82 9.09 14.91 -0.04
N PRO A 83 10.08 15.80 -0.17
CA PRO A 83 10.46 16.60 1.01
C PRO A 83 9.34 17.48 1.58
N ASP A 84 8.58 18.19 0.76
CA ASP A 84 7.54 19.06 1.31
C ASP A 84 6.47 18.28 2.07
N ARG A 85 6.08 17.13 1.52
CA ARG A 85 5.11 16.30 2.20
C ARG A 85 5.70 15.77 3.52
N ALA A 86 6.97 15.39 3.50
CA ALA A 86 7.58 14.89 4.76
C ALA A 86 7.57 15.95 5.89
N VAL A 87 7.82 17.21 5.53
CA VAL A 87 7.74 18.31 6.50
C VAL A 87 6.35 18.41 7.15
N GLN A 88 5.31 18.38 6.33
CA GLN A 88 3.94 18.48 6.82
C GLN A 88 3.67 17.28 7.76
N ASN A 89 4.12 16.10 7.34
CA ASN A 89 3.83 14.89 8.10
C ASN A 89 4.55 14.86 9.45
N ILE A 90 5.83 15.25 9.46
CA ILE A 90 6.58 15.27 10.69
C ILE A 90 5.99 16.33 11.63
N ARG A 91 5.63 17.51 11.11
CA ARG A 91 4.87 18.48 11.92
C ARG A 91 3.65 17.83 12.60
N ALA A 92 2.88 17.08 11.82
CA ALA A 92 1.66 16.47 12.35
C ALA A 92 1.98 15.44 13.43
N ILE A 93 2.98 14.60 13.16
CA ILE A 93 3.39 13.58 14.11
C ILE A 93 3.91 14.22 15.42
N LEU A 94 4.78 15.22 15.30
CA LEU A 94 5.38 15.84 16.48
C LEU A 94 4.30 16.58 17.28
N ASP A 95 3.24 16.99 16.60
CA ASP A 95 2.13 17.71 17.27
C ASP A 95 1.36 16.83 18.22
N ASN A 96 1.45 15.51 18.03
CA ASN A 96 0.76 14.55 18.87
C ASN A 96 1.68 14.28 20.07
N LYS A 97 1.32 14.83 21.22
CA LYS A 97 2.17 14.72 22.42
C LYS A 97 2.31 13.28 22.90
N ASP A 98 1.39 12.40 22.51
CA ASP A 98 1.43 11.02 23.00
C ASP A 98 2.33 10.06 22.22
N ILE A 99 2.87 10.53 21.10
CA ILE A 99 3.83 9.77 20.32
C ILE A 99 5.14 9.72 21.08
N VAL A 100 5.63 8.52 21.35
CA VAL A 100 6.86 8.39 22.11
C VAL A 100 8.10 8.17 21.25
N GLY A 101 7.92 7.78 19.99
CA GLY A 101 9.07 7.59 19.11
C GLY A 101 8.59 7.57 17.68
N ILE A 102 9.52 7.81 16.76
CA ILE A 102 9.17 7.89 15.35
C ILE A 102 10.06 7.01 14.48
N ILE A 103 9.46 6.33 13.52
CA ILE A 103 10.24 5.73 12.42
C ILE A 103 10.17 6.72 11.23
N GLY A 104 11.31 7.23 10.80
CA GLY A 104 11.36 8.33 9.83
C GLY A 104 11.26 7.91 8.38
N PRO A 105 11.15 8.90 7.46
CA PRO A 105 10.90 8.57 6.04
C PRO A 105 12.13 8.03 5.34
N ALA A 106 11.88 7.23 4.31
CA ALA A 106 12.93 6.89 3.39
C ALA A 106 13.37 8.15 2.70
N GLY A 107 14.60 8.18 2.21
CA GLY A 107 14.97 9.24 1.30
C GLY A 107 15.73 10.37 2.00
N SER A 108 16.92 10.64 1.49
CA SER A 108 17.74 11.69 2.02
C SER A 108 17.06 13.06 1.86
N GLY A 109 16.35 13.28 0.75
CA GLY A 109 15.64 14.54 0.56
C GLY A 109 14.66 14.83 1.70
N PRO A 110 13.66 13.95 1.87
CA PRO A 110 12.74 14.09 3.01
C PRO A 110 13.46 14.17 4.36
N LEU A 112 16.49 15.16 5.18
CA LEU A 112 17.21 16.43 5.38
C LEU A 112 16.24 17.60 5.57
N ALA A 113 15.03 17.50 4.99
CA ALA A 113 14.05 18.57 5.13
C ALA A 113 13.43 18.62 6.53
N VAL A 114 13.43 17.50 7.24
CA VAL A 114 12.81 17.43 8.56
C VAL A 114 13.78 17.32 9.73
N ILE A 115 15.05 17.09 9.45
CA ILE A 115 16.00 16.65 10.49
C ILE A 115 16.22 17.68 11.59
N ASP A 116 16.26 18.97 11.25
CA ASP A 116 16.42 20.00 12.29
C ASP A 116 15.23 20.01 13.27
N VAL A 118 13.21 17.48 13.88
CA VAL A 118 13.22 16.23 14.64
C VAL A 118 14.26 16.31 15.73
N GLN A 119 15.42 16.88 15.41
CA GLN A 119 16.48 16.97 16.41
C GLN A 119 16.06 17.89 17.55
N ALA A 120 15.42 19.01 17.22
CA ALA A 120 14.98 19.97 18.25
C ALA A 120 13.90 19.36 19.13
N ASP A 121 13.04 18.55 18.54
CA ASP A 121 11.98 17.91 19.34
C ASP A 121 12.55 17.01 20.42
N GLY A 122 13.50 16.18 20.03
CA GLY A 122 14.20 15.36 21.00
C GLY A 122 13.69 13.93 21.20
N ARG A 123 12.48 13.60 20.75
CA ARG A 123 12.02 12.21 20.91
C ARG A 123 12.81 11.24 20.03
N PRO A 124 12.97 10.00 20.50
CA PRO A 124 13.78 9.03 19.76
C PRO A 124 13.27 8.89 18.34
N TYR A 125 14.19 8.94 17.40
CA TYR A 125 13.80 8.93 16.02
C TYR A 125 14.68 7.96 15.25
N ASN A 127 16.05 6.33 11.89
CA ASN A 127 16.26 6.59 10.46
C ASN A 127 16.56 5.27 9.75
N PRO A 128 15.58 4.70 9.07
CA PRO A 128 15.83 3.33 8.63
C PRO A 128 16.61 3.23 7.34
N ILE A 129 16.56 4.26 6.49
CA ILE A 129 17.03 4.07 5.12
C ILE A 129 18.03 5.12 4.59
N ALA A 130 17.73 6.40 4.80
CA ALA A 130 18.49 7.49 4.19
C ALA A 130 20.00 7.35 4.42
N GLN A 131 20.79 7.43 3.35
CA GLN A 131 22.21 7.08 3.42
C GLN A 131 23.18 8.26 3.49
N THR A 132 22.68 9.47 3.39
CA THR A 132 23.55 10.64 3.51
C THR A 132 24.04 10.77 4.96
N PRO A 133 25.36 10.75 5.18
CA PRO A 133 25.86 10.62 6.55
C PRO A 133 25.44 11.78 7.47
N VAL A 134 25.22 12.99 6.95
CA VAL A 134 24.84 14.11 7.83
C VAL A 134 23.43 14.01 8.42
N VAL A 135 22.64 13.05 7.95
CA VAL A 135 21.38 12.74 8.60
C VAL A 135 21.62 12.38 10.09
N THR A 136 22.72 11.67 10.35
CA THR A 136 23.05 11.27 11.72
C THR A 136 24.24 12.04 12.32
N TYR A 137 25.20 12.39 11.48
CA TYR A 137 26.43 13.00 11.94
C TYR A 137 26.63 14.32 11.19
N PRO A 138 26.01 15.39 11.68
CA PRO A 138 26.11 16.65 10.91
C PRO A 138 27.53 17.22 10.82
N GLY A 139 28.42 16.77 11.70
CA GLY A 139 29.79 17.26 11.67
C GLY A 139 30.70 16.53 10.71
N GLU A 140 30.15 15.56 9.99
CA GLU A 140 30.83 14.85 8.89
C GLU A 140 31.94 13.87 9.27
N LYS A 141 32.03 13.53 10.55
CA LYS A 141 32.87 12.42 10.98
C LYS A 141 31.92 11.34 11.50
N THR A 142 31.88 10.21 10.80
CA THR A 142 30.95 9.13 11.17
C THR A 142 31.36 8.57 12.52
N GLY A 143 30.38 8.35 13.39
CA GLY A 143 30.64 7.75 14.69
C GLY A 143 31.12 8.77 15.70
N GLU A 144 30.91 10.06 15.43
CA GLU A 144 31.27 11.11 16.36
C GLU A 144 30.18 12.17 16.41
N LYS A 145 29.82 12.60 17.62
CA LYS A 145 28.84 13.69 17.81
C LYS A 145 27.54 13.54 17.00
N PRO A 146 26.86 12.40 17.15
CA PRO A 146 25.63 12.24 16.39
C PRO A 146 24.54 13.19 16.91
N ARG A 147 23.52 13.40 16.09
CA ARG A 147 22.32 14.05 16.61
C ARG A 147 21.81 13.18 17.75
N PRO A 148 21.49 13.80 18.90
CA PRO A 148 21.38 13.01 20.13
C PRO A 148 20.23 12.03 20.12
N ASN A 149 19.14 12.36 19.43
CA ASN A 149 17.95 11.52 19.47
C ASN A 149 17.80 10.61 18.22
N VAL A 150 18.77 10.66 17.31
CA VAL A 150 18.62 9.97 16.03
C VAL A 150 19.48 8.73 15.91
N PHE A 151 18.85 7.60 15.58
CA PHE A 151 19.55 6.34 15.40
C PHE A 151 19.28 5.80 14.00
N SER A 152 20.32 5.31 13.34
CA SER A 152 20.22 5.04 11.93
C SER A 152 20.42 3.57 11.61
N PHE A 153 19.56 3.04 10.75
CA PHE A 153 19.64 1.66 10.30
C PHE A 153 20.02 1.60 8.82
N ALA A 154 20.44 2.75 8.31
CA ALA A 154 20.88 2.86 6.94
C ALA A 154 22.27 2.28 6.74
N LEU A 155 22.56 1.88 5.50
CA LEU A 155 23.91 1.69 5.07
C LEU A 155 24.39 3.07 4.64
N GLN A 156 25.26 3.72 5.42
CA GLN A 156 25.71 5.07 5.03
C GLN A 156 26.52 5.05 3.75
N ASN A 157 26.44 6.15 3.01
CA ASN A 157 27.22 6.31 1.78
C ASN A 157 28.72 6.17 1.92
N ASP A 158 29.31 6.70 3.00
CA ASP A 158 30.74 6.58 3.19
C ASP A 158 31.13 5.12 3.45
N ILE A 159 30.15 4.32 3.86
CA ILE A 159 30.41 2.93 4.16
C ILE A 159 30.21 2.06 2.91
N GLU A 160 29.11 2.26 2.22
CA GLU A 160 28.89 1.54 0.97
C GLU A 160 30.00 1.81 -0.06
N ALA A 161 30.56 3.01 -0.03
CA ALA A 161 31.56 3.40 -1.03
C ALA A 161 32.88 2.63 -0.87
N VAL A 162 33.13 2.14 0.34
CA VAL A 162 34.36 1.41 0.60
C VAL A 162 34.43 0.16 -0.30
N ALA A 163 33.43 -0.71 -0.20
CA ALA A 163 33.37 -1.91 -1.01
C ALA A 163 33.24 -1.63 -2.50
N GLY A 165 34.05 1.13 -4.17
CA GLY A 165 35.22 1.83 -4.67
C GLY A 165 36.39 0.89 -4.88
N GLU A 166 36.62 -0.01 -3.92
CA GLU A 166 37.66 -1.04 -4.09
C GLU A 166 37.39 -1.88 -5.31
N TYR A 167 36.13 -2.25 -5.50
CA TYR A 167 35.81 -3.09 -6.62
C TYR A 167 36.03 -2.34 -7.93
N LEU A 168 35.52 -1.12 -8.05
CA LEU A 168 35.64 -0.39 -9.31
C LEU A 168 37.12 -0.08 -9.61
N ALA A 169 37.88 0.26 -8.57
CA ALA A 169 39.28 0.66 -8.78
C ALA A 169 40.08 -0.52 -9.37
N LYS A 170 39.74 -1.72 -8.93
CA LYS A 170 40.46 -2.91 -9.31
C LYS A 170 40.02 -3.51 -10.66
N LYS A 171 38.76 -3.32 -11.02
CA LYS A 171 38.19 -3.99 -12.19
C LYS A 171 38.22 -3.11 -13.43
N PHE A 172 38.17 -1.78 -13.23
CA PHE A 172 37.95 -0.86 -14.35
C PHE A 172 38.98 0.27 -14.44
N LYS A 173 39.17 0.82 -15.65
CA LYS A 173 40.10 1.94 -15.84
C LYS A 173 39.43 3.25 -16.21
N ARG A 174 38.21 3.17 -16.75
CA ARG A 174 37.55 4.37 -17.24
C ARG A 174 36.10 4.42 -16.77
N VAL A 175 35.93 4.75 -15.50
CA VAL A 175 34.62 4.71 -14.86
C VAL A 175 33.91 6.03 -15.06
N GLY A 176 32.68 5.97 -15.57
CA GLY A 176 31.79 7.12 -15.59
C GLY A 176 30.83 6.97 -14.44
N ILE A 177 30.42 8.10 -13.85
CA ILE A 177 29.51 8.03 -12.73
C ILE A 177 28.24 8.85 -12.99
N ILE A 178 27.07 8.21 -12.83
CA ILE A 178 25.78 8.92 -12.99
C ILE A 178 25.00 8.84 -11.69
N HIS A 179 24.43 9.96 -11.26
CA HIS A 179 23.72 9.96 -9.97
C HIS A 179 22.47 10.83 -9.98
N GLU A 180 21.46 10.42 -9.22
CA GLU A 180 20.26 11.24 -9.03
C GLU A 180 20.65 12.53 -8.32
N SER A 181 19.94 13.60 -8.63
CA SER A 181 20.27 14.91 -8.08
C SER A 181 19.67 15.11 -6.69
N THR A 182 20.07 14.27 -5.73
CA THR A 182 19.68 14.47 -4.34
C THR A 182 20.96 14.36 -3.56
N ALA A 183 20.89 14.59 -2.25
CA ALA A 183 22.08 14.42 -1.41
C ALA A 183 22.57 12.98 -1.43
N TYR A 184 21.65 12.03 -1.54
CA TYR A 184 22.04 10.62 -1.69
C TYR A 184 22.94 10.47 -2.90
N GLY A 185 22.49 11.00 -4.03
CA GLY A 185 23.28 10.95 -5.26
C GLY A 185 24.55 11.79 -5.16
N VAL A 186 24.42 13.02 -4.69
CA VAL A 186 25.58 13.91 -4.65
C VAL A 186 26.65 13.44 -3.66
N THR A 187 26.25 13.15 -2.42
CA THR A 187 27.25 12.65 -1.47
C THR A 187 27.74 11.29 -1.92
N GLY A 188 26.88 10.51 -2.56
CA GLY A 188 27.27 9.21 -3.07
C GLY A 188 28.47 9.29 -4.01
N VAL A 189 28.44 10.23 -4.95
N VAL A 189 28.47 10.23 -4.95
CA VAL A 189 29.53 10.30 -5.92
CA VAL A 189 29.58 10.24 -5.90
C VAL A 189 30.81 10.75 -5.23
C VAL A 189 30.85 10.80 -5.28
N ASP A 190 30.70 11.69 -4.31
CA ASP A 190 31.87 12.20 -3.60
C ASP A 190 32.57 11.08 -2.85
N TYR A 191 31.80 10.28 -2.12
CA TYR A 191 32.40 9.20 -1.35
C TYR A 191 32.90 8.11 -2.31
N LEU A 192 32.17 7.86 -3.37
CA LEU A 192 32.61 6.83 -4.31
C LEU A 192 33.92 7.23 -4.99
N ALA A 193 34.01 8.47 -5.46
CA ALA A 193 35.26 8.87 -6.09
C ALA A 193 36.42 8.91 -5.09
N ALA A 194 36.14 9.25 -3.83
CA ALA A 194 37.21 9.29 -2.84
C ALA A 194 37.74 7.90 -2.51
N SER A 195 36.84 6.92 -2.46
CA SER A 195 37.21 5.54 -2.19
C SER A 195 38.00 4.96 -3.37
N ILE A 196 37.58 5.29 -4.57
CA ILE A 196 38.30 4.84 -5.75
C ILE A 196 39.76 5.37 -5.67
N ALA A 197 39.92 6.64 -5.36
CA ALA A 197 41.23 7.27 -5.22
C ALA A 197 42.07 6.62 -4.12
N LYS A 198 41.44 6.37 -2.98
CA LYS A 198 42.17 5.81 -1.85
C LYS A 198 42.73 4.42 -2.18
N ASN A 199 42.02 3.66 -3.00
CA ASN A 199 42.49 2.34 -3.38
C ASN A 199 43.46 2.37 -4.56
N GLY A 200 43.78 3.56 -5.04
CA GLY A 200 44.75 3.69 -6.13
C GLY A 200 44.16 3.57 -7.52
N GLY A 201 42.83 3.64 -7.61
CA GLY A 201 42.17 3.52 -8.90
C GLY A 201 42.29 4.81 -9.69
N ALA A 202 41.98 4.76 -10.98
CA ALA A 202 42.02 5.95 -11.83
C ALA A 202 40.84 6.88 -11.52
N LYS A 203 41.02 8.18 -11.68
CA LYS A 203 39.89 9.11 -11.46
C LYS A 203 38.77 8.78 -12.45
N PRO A 204 37.51 8.97 -12.06
CA PRO A 204 36.41 8.81 -13.02
C PRO A 204 36.61 9.70 -14.23
N VAL A 205 36.29 9.18 -15.41
CA VAL A 205 36.53 9.94 -16.65
C VAL A 205 35.34 10.80 -17.04
N ALA A 206 34.20 10.65 -16.36
CA ALA A 206 33.04 11.51 -16.62
C ALA A 206 32.02 11.35 -15.51
N THR A 207 31.29 12.43 -15.22
CA THR A 207 30.24 12.40 -14.22
C THR A 207 29.03 13.14 -14.76
N ASP A 208 27.83 12.75 -14.32
CA ASP A 208 26.64 13.47 -14.71
C ASP A 208 25.48 13.10 -13.80
N SER A 209 24.41 13.87 -13.88
CA SER A 209 23.30 13.69 -12.96
C SER A 209 21.98 13.66 -13.71
N TYR A 210 20.95 13.14 -13.06
CA TYR A 210 19.58 13.18 -13.56
C TYR A 210 18.66 13.49 -12.37
N ASN A 211 17.48 14.02 -12.66
CA ASN A 211 16.47 14.25 -11.62
C ASN A 211 15.61 13.00 -11.50
N GLN A 212 15.24 12.64 -10.26
CA GLN A 212 14.37 11.48 -10.03
C GLN A 212 13.17 11.54 -10.97
N GLY A 213 12.87 10.44 -11.64
CA GLY A 213 11.75 10.39 -12.54
C GLY A 213 12.03 10.86 -13.97
N ALA A 214 13.27 11.28 -14.25
CA ALA A 214 13.62 11.67 -15.62
C ALA A 214 13.38 10.54 -16.64
N GLN A 215 12.67 10.83 -17.72
CA GLN A 215 12.40 9.81 -18.75
C GLN A 215 13.48 9.73 -19.85
N ASP A 216 14.20 10.83 -20.08
CA ASP A 216 15.22 10.88 -21.11
C ASP A 216 16.61 11.05 -20.50
N THR A 218 19.43 10.29 -22.56
CA THR A 218 20.30 10.20 -23.74
C THR A 218 21.54 11.05 -23.60
N ALA A 219 21.36 12.30 -23.17
CA ALA A 219 22.48 13.23 -23.09
C ALA A 219 23.56 12.72 -22.13
N GLN A 220 23.18 12.21 -20.97
CA GLN A 220 24.17 11.71 -20.02
C GLN A 220 24.92 10.48 -20.53
N VAL A 221 24.18 9.51 -21.09
CA VAL A 221 24.79 8.29 -21.64
C VAL A 221 25.69 8.60 -22.84
N ALA A 222 25.26 9.54 -23.68
CA ALA A 222 26.09 9.96 -24.82
C ALA A 222 27.39 10.54 -24.32
N ARG A 223 27.34 11.24 -23.20
CA ARG A 223 28.55 11.76 -22.58
C ARG A 223 29.46 10.63 -22.11
N LYS A 225 29.49 7.68 -23.32
CA LYS A 225 30.03 7.05 -24.55
C LYS A 225 31.22 7.81 -25.14
N ARG A 226 31.14 9.13 -25.19
CA ARG A 226 32.23 9.96 -25.73
C ARG A 226 33.49 9.82 -24.87
N ALA A 227 33.29 9.58 -23.58
CA ALA A 227 34.41 9.41 -22.68
C ALA A 227 34.97 7.97 -22.66
N ASN A 228 34.49 7.13 -23.58
CA ASN A 228 34.96 5.73 -23.71
C ASN A 228 34.99 4.98 -22.37
N VAL A 229 33.91 5.06 -21.59
CA VAL A 229 33.82 4.36 -20.32
C VAL A 229 33.93 2.85 -20.50
N ASP A 230 34.53 2.17 -19.53
CA ASP A 230 34.45 0.72 -19.51
C ASP A 230 33.52 0.25 -18.42
N ALA A 231 32.93 1.20 -17.68
CA ALA A 231 31.87 0.88 -16.73
C ALA A 231 31.15 2.18 -16.36
N ILE A 232 29.89 2.05 -16.00
CA ILE A 232 29.15 3.17 -15.45
C ILE A 232 28.74 2.82 -14.03
N ALA A 233 29.06 3.68 -13.07
CA ALA A 233 28.56 3.52 -11.72
C ALA A 233 27.38 4.46 -11.57
N ALA A 234 26.31 3.96 -10.97
CA ALA A 234 25.12 4.78 -10.76
C ALA A 234 24.71 4.83 -9.30
N ILE A 235 24.35 6.01 -8.84
CA ILE A 235 23.82 6.12 -7.49
C ILE A 235 22.41 6.69 -7.53
N GLY A 236 21.41 5.88 -7.19
CA GLY A 236 20.02 6.28 -7.33
C GLY A 236 19.12 5.10 -7.06
N LEU A 237 17.87 5.17 -7.51
CA LEU A 237 16.90 4.15 -7.16
C LEU A 237 16.41 3.34 -8.37
N GLY A 238 15.69 2.26 -8.08
CA GLY A 238 15.31 1.26 -9.07
C GLY A 238 14.61 1.75 -10.34
N LYS A 239 13.56 2.54 -10.19
CA LYS A 239 12.81 3.01 -11.36
C LYS A 239 13.75 3.74 -12.31
N ASP A 240 14.60 4.59 -11.76
CA ASP A 240 15.52 5.41 -12.56
C ASP A 240 16.66 4.61 -13.15
N LEU A 241 17.23 3.70 -12.38
CA LEU A 241 18.32 2.88 -12.88
C LEU A 241 17.89 2.06 -14.11
N ALA A 242 16.63 1.64 -14.13
CA ALA A 242 16.09 0.88 -15.24
C ALA A 242 16.04 1.73 -16.50
N VAL A 243 15.66 3.00 -16.37
CA VAL A 243 15.66 3.92 -17.50
C VAL A 243 17.08 4.08 -18.03
N LEU A 244 18.02 4.26 -17.11
CA LEU A 244 19.43 4.41 -17.46
C LEU A 244 19.96 3.18 -18.18
N ARG A 245 19.63 2.01 -17.65
CA ARG A 245 20.11 0.76 -18.22
C ARG A 245 19.55 0.58 -19.63
N ARG A 246 18.27 0.88 -19.81
CA ARG A 246 17.64 0.77 -21.12
C ARG A 246 18.25 1.75 -22.12
N THR A 247 18.63 2.93 -21.64
CA THR A 247 19.21 3.96 -22.49
C THR A 247 20.60 3.56 -22.95
N ALA A 249 21.58 0.55 -23.42
CA ALA A 249 21.35 -0.49 -24.42
C ALA A 249 20.97 0.13 -25.76
N ARG A 250 20.10 1.10 -25.68
CA ARG A 250 19.63 1.84 -26.83
C ARG A 250 20.77 2.53 -27.60
N LEU A 251 21.75 3.07 -26.90
CA LEU A 251 22.86 3.76 -27.54
C LEU A 251 24.11 2.89 -27.67
N ASN A 252 23.93 1.57 -27.55
CA ASN A 252 25.01 0.62 -27.75
C ASN A 252 26.16 0.83 -26.76
N VAL A 253 25.83 1.22 -25.54
CA VAL A 253 26.86 1.32 -24.52
C VAL A 253 26.81 0.07 -23.64
N ASN A 254 27.55 -0.96 -24.05
CA ASN A 254 27.45 -2.27 -23.42
C ASN A 254 28.59 -2.48 -22.44
N VAL A 255 28.47 -1.88 -21.27
CA VAL A 255 29.50 -1.99 -20.25
C VAL A 255 28.78 -2.30 -18.97
N PRO A 256 29.52 -2.83 -17.98
CA PRO A 256 28.87 -3.13 -16.70
C PRO A 256 28.28 -1.87 -16.05
N LEU A 257 27.15 -2.04 -15.39
CA LEU A 257 26.50 -0.99 -14.64
C LEU A 257 26.66 -1.38 -13.18
N ALA A 258 27.32 -0.52 -12.42
CA ALA A 258 27.56 -0.80 -11.02
C ALA A 258 26.71 0.14 -10.20
N ALA A 259 25.65 -0.40 -9.57
CA ALA A 259 24.65 0.44 -8.94
C ALA A 259 24.69 0.38 -7.43
N SER A 260 24.08 1.36 -6.80
CA SER A 260 23.97 1.39 -5.34
C SER A 260 22.91 0.37 -4.87
N ASN A 261 23.03 -0.07 -3.61
CA ASN A 261 22.13 -1.03 -2.98
C ASN A 261 20.68 -0.64 -3.15
N GLY A 262 20.38 0.64 -2.92
CA GLY A 262 18.99 1.09 -3.01
C GLY A 262 18.36 1.02 -4.40
N ALA A 263 19.16 0.74 -5.43
CA ALA A 263 18.62 0.73 -6.79
C ALA A 263 18.28 -0.66 -7.27
N LEU A 264 18.69 -1.68 -6.55
N LEU A 264 18.72 -1.67 -6.54
CA LEU A 264 18.46 -3.00 -7.10
CA LEU A 264 18.68 -3.03 -7.04
C LEU A 264 17.03 -3.44 -6.82
C LEU A 264 17.41 -3.74 -6.63
N GLY A 265 16.80 -4.74 -6.68
N GLY A 265 16.29 -3.01 -6.67
CA GLY A 265 15.48 -5.23 -6.33
CA GLY A 265 15.02 -3.51 -6.18
C GLY A 265 14.43 -5.02 -7.41
C GLY A 265 14.09 -3.95 -7.28
N GLN A 266 13.18 -4.77 -7.00
N GLN A 266 12.91 -4.44 -6.89
CA GLN A 266 11.99 -4.92 -7.87
CA GLN A 266 11.86 -4.86 -7.82
C GLN A 266 11.77 -3.91 -9.02
C GLN A 266 11.63 -3.91 -8.99
N PRO A 267 11.69 -2.59 -8.73
CA PRO A 267 11.47 -1.71 -9.89
C PRO A 267 12.58 -1.82 -10.94
N TYR A 268 13.80 -2.14 -10.52
CA TYR A 268 14.89 -2.27 -11.47
C TYR A 268 14.70 -3.53 -12.32
N GLN A 269 14.53 -4.66 -11.64
CA GLN A 269 14.37 -5.96 -12.26
C GLN A 269 13.24 -5.96 -13.28
N GLU A 270 12.13 -5.34 -12.90
CA GLU A 270 10.95 -5.30 -13.74
C GLU A 270 11.13 -4.34 -14.93
N GLY A 271 11.76 -3.19 -14.70
CA GLY A 271 11.94 -2.21 -15.76
C GLY A 271 13.02 -2.59 -16.75
N ALA A 272 14.04 -3.31 -16.28
CA ALA A 272 15.22 -3.63 -17.06
C ALA A 272 15.15 -5.00 -17.72
N GLY A 273 14.42 -5.91 -17.10
CA GLY A 273 14.21 -7.23 -17.68
C GLY A 273 15.52 -7.95 -17.89
N GLU A 274 15.74 -8.43 -19.11
CA GLU A 274 16.97 -9.14 -19.45
C GLU A 274 18.23 -8.31 -19.24
N LEU A 275 18.09 -6.99 -19.29
CA LEU A 275 19.23 -6.10 -19.18
C LEU A 275 19.80 -6.06 -17.76
N THR A 276 19.12 -6.68 -16.82
CA THR A 276 19.68 -6.74 -15.47
C THR A 276 20.98 -7.53 -15.49
N LEU A 277 21.08 -8.52 -16.39
CA LEU A 277 22.31 -9.29 -16.50
C LEU A 277 23.56 -8.39 -16.50
N GLY A 278 24.50 -8.68 -15.62
CA GLY A 278 25.76 -7.94 -15.61
C GLY A 278 25.74 -6.69 -14.75
N THR A 279 24.56 -6.26 -14.33
CA THR A 279 24.48 -5.19 -13.34
C THR A 279 25.01 -5.78 -12.04
N LEU A 280 25.68 -4.96 -11.26
CA LEU A 280 26.21 -5.42 -10.00
C LEU A 280 26.11 -4.29 -9.00
N GLY A 281 26.32 -4.63 -7.73
CA GLY A 281 26.12 -3.66 -6.70
C GLY A 281 26.56 -4.17 -5.36
N THR A 282 26.83 -3.23 -4.48
CA THR A 282 27.15 -3.52 -3.10
C THR A 282 25.83 -3.58 -2.35
N ILE A 284 23.77 -4.93 1.48
CA ILE A 284 23.65 -5.57 2.78
C ILE A 284 23.37 -7.05 2.54
N GLY A 285 24.19 -7.92 3.11
CA GLY A 285 24.21 -9.33 2.73
C GLY A 285 23.35 -10.28 3.56
N ALA A 286 22.48 -9.70 4.38
CA ALA A 286 21.74 -10.44 5.41
C ALA A 286 20.97 -11.65 4.90
N PHE A 287 20.40 -11.54 3.71
CA PHE A 287 19.54 -12.62 3.19
C PHE A 287 20.30 -13.56 2.26
N GLY A 288 21.60 -13.35 2.11
CA GLY A 288 22.40 -14.26 1.32
C GLY A 288 22.54 -15.59 2.02
N ASN A 289 22.59 -16.67 1.27
CA ASN A 289 22.77 -17.97 1.91
C ASN A 289 24.19 -18.27 2.27
N PRO A 290 24.39 -18.93 3.41
CA PRO A 290 23.34 -19.18 4.38
C PRO A 290 23.08 -17.94 5.24
N ARG A 292 22.07 -15.97 8.75
CA ARG A 292 22.12 -16.14 10.18
C ARG A 292 20.71 -16.23 10.75
N ALA A 293 20.64 -16.71 11.97
CA ALA A 293 19.36 -16.96 12.60
C ALA A 293 18.36 -15.80 12.57
N PRO A 294 18.81 -14.57 12.90
CA PRO A 294 17.79 -13.51 12.93
C PRO A 294 17.15 -13.24 11.54
N ALA A 295 17.95 -13.30 10.47
CA ALA A 295 17.42 -13.12 9.12
C ALA A 295 16.49 -14.28 8.76
N ALA A 296 16.89 -15.49 9.13
CA ALA A 296 16.04 -16.66 8.84
C ALA A 296 14.73 -16.59 9.63
N ASP A 297 14.81 -16.20 10.90
CA ASP A 297 13.62 -16.10 11.74
C ASP A 297 12.64 -15.05 11.20
N PHE A 298 13.20 -13.92 10.78
CA PHE A 298 12.42 -12.86 10.20
C PHE A 298 11.80 -13.29 8.88
N ALA A 299 12.57 -13.95 8.02
CA ALA A 299 12.05 -14.32 6.70
C ALA A 299 10.88 -15.27 6.86
N LYS A 300 10.97 -16.17 7.84
CA LYS A 300 9.90 -17.13 8.09
C LYS A 300 8.61 -16.41 8.51
N ALA A 301 8.74 -15.44 9.40
CA ALA A 301 7.58 -14.71 9.91
C ALA A 301 6.98 -13.82 8.82
N TYR A 302 7.84 -13.21 8.02
CA TYR A 302 7.38 -12.33 6.97
C TYR A 302 6.55 -13.15 5.99
N LYS A 303 7.12 -14.27 5.54
CA LYS A 303 6.45 -15.12 4.57
C LYS A 303 5.14 -15.67 5.13
N ALA A 304 5.11 -15.98 6.43
CA ALA A 304 3.90 -16.56 7.02
C ALA A 304 2.73 -15.55 6.96
N LYS A 305 3.02 -14.26 7.08
CA LYS A 305 1.98 -13.22 7.05
C LYS A 305 1.68 -12.71 5.63
N TYR A 306 2.72 -12.35 4.89
CA TYR A 306 2.54 -11.69 3.61
C TYR A 306 2.71 -12.59 2.39
N GLY A 307 3.15 -13.83 2.59
CA GLY A 307 3.46 -14.69 1.46
C GLY A 307 4.72 -14.30 0.72
N THR A 308 4.95 -14.96 -0.40
CA THR A 308 6.08 -14.61 -1.25
C THR A 308 5.70 -13.42 -2.14
N ASP A 309 5.56 -12.24 -1.54
CA ASP A 309 5.04 -11.04 -2.19
C ASP A 309 6.11 -10.33 -3.04
N ARG A 310 5.83 -9.10 -3.43
N ARG A 310 5.84 -9.10 -3.44
CA ARG A 310 6.74 -8.25 -4.21
CA ARG A 310 6.78 -8.32 -4.24
C ARG A 310 8.10 -8.08 -3.53
C ARG A 310 8.13 -8.17 -3.53
N TRP A 311 8.08 -8.01 -2.21
CA TRP A 311 9.29 -7.74 -1.45
C TRP A 311 10.11 -9.00 -1.32
N TRP A 312 9.42 -10.12 -1.16
CA TRP A 312 10.10 -11.40 -1.05
C TRP A 312 10.76 -11.72 -2.37
N GLY A 313 10.06 -11.45 -3.46
CA GLY A 313 10.64 -11.69 -4.77
C GLY A 313 10.09 -12.96 -5.41
N ASN A 314 10.71 -13.38 -6.51
CA ASN A 314 10.16 -14.42 -7.38
C ASN A 314 10.58 -15.86 -7.06
N ASP A 315 11.29 -16.06 -5.96
CA ASP A 315 11.77 -17.39 -5.57
C ASP A 315 11.22 -17.79 -4.20
N PRO A 316 10.25 -18.72 -4.19
CA PRO A 316 9.57 -19.14 -2.95
C PRO A 316 10.52 -19.66 -1.87
N GLU A 317 11.67 -20.17 -2.26
CA GLU A 317 12.56 -20.79 -1.29
C GLU A 317 13.64 -19.86 -0.73
N ASN A 318 13.76 -18.66 -1.31
CA ASN A 318 14.86 -17.75 -0.97
C ASN A 318 14.40 -16.31 -1.11
N PRO A 319 14.33 -15.59 0.01
CA PRO A 319 13.97 -14.17 -0.07
C PRO A 319 15.03 -13.36 -0.84
N GLN A 320 14.62 -12.34 -1.58
CA GLN A 320 15.60 -11.59 -2.35
C GLN A 320 16.47 -10.71 -1.45
N LEU A 321 17.72 -10.50 -1.86
CA LEU A 321 18.69 -9.72 -1.07
C LEU A 321 18.18 -8.32 -0.73
N PHE A 322 17.40 -7.75 -1.65
CA PHE A 322 16.88 -6.41 -1.52
C PHE A 322 15.90 -6.23 -0.36
N ALA A 324 16.68 -6.59 2.58
CA ALA A 324 17.46 -5.95 3.64
C ALA A 324 17.30 -4.42 3.63
N ILE A 325 17.13 -3.85 2.45
CA ILE A 325 17.17 -2.39 2.38
C ILE A 325 15.76 -1.81 2.21
N SER A 326 14.82 -2.69 1.92
CA SER A 326 13.45 -2.27 1.76
C SER A 326 12.54 -2.67 2.92
N VAL A 327 12.96 -3.65 3.73
CA VAL A 327 12.08 -4.21 4.75
C VAL A 327 12.77 -4.36 6.09
N SER A 328 13.87 -5.11 6.13
CA SER A 328 14.39 -5.49 7.46
C SER A 328 15.14 -4.36 8.17
N ASN A 329 15.51 -3.31 7.45
CA ASN A 329 16.02 -2.12 8.12
C ASN A 329 14.93 -1.49 9.02
N GLY A 330 13.70 -1.41 8.53
CA GLY A 330 12.57 -0.95 9.33
C GLY A 330 12.27 -1.88 10.50
N TYR A 331 12.41 -3.19 10.27
CA TYR A 331 12.21 -4.17 11.33
C TYR A 331 13.20 -3.98 12.45
N ASP A 332 14.49 -3.91 12.10
CA ASP A 332 15.51 -3.66 13.11
C ASP A 332 15.29 -2.32 13.82
N ALA A 333 14.94 -1.28 13.07
CA ALA A 333 14.67 0.05 13.68
C ALA A 333 13.60 -0.07 14.77
N ALA A 334 12.51 -0.77 14.47
CA ALA A 334 11.39 -0.93 15.39
C ALA A 334 11.86 -1.75 16.61
N ASN A 335 12.51 -2.89 16.38
CA ASN A 335 12.96 -3.71 17.50
C ASN A 335 13.92 -2.98 18.44
N ILE A 336 14.83 -2.20 17.88
CA ILE A 336 15.74 -1.40 18.71
C ILE A 336 14.97 -0.34 19.52
N LEU A 337 14.07 0.38 18.87
CA LEU A 337 13.23 1.35 19.60
C LEU A 337 12.48 0.67 20.75
N PHE A 338 11.89 -0.48 20.47
CA PHE A 338 11.13 -1.18 21.52
C PHE A 338 12.02 -1.69 22.63
N GLU A 339 13.20 -2.18 22.25
CA GLU A 339 14.15 -2.68 23.25
C GLU A 339 14.62 -1.54 24.15
N GLY A 340 14.79 -0.36 23.55
CA GLY A 340 15.18 0.79 24.34
C GLY A 340 14.11 1.13 25.38
N ILE A 341 12.86 1.12 24.95
CA ILE A 341 11.77 1.43 25.87
C ILE A 341 11.70 0.36 26.96
N ARG A 342 11.90 -0.89 26.56
CA ARG A 342 11.89 -2.02 27.51
C ARG A 342 12.97 -1.86 28.56
N LEU A 343 14.20 -1.63 28.12
CA LEU A 343 15.31 -1.42 29.03
C LEU A 343 15.09 -0.17 29.91
N ALA A 344 14.63 0.92 29.33
CA ALA A 344 14.41 2.13 30.14
C ALA A 344 13.29 1.95 31.16
N ASN A 345 12.39 1.01 30.89
CA ASN A 345 11.14 0.85 31.64
C ASN A 345 10.42 2.19 31.74
N SER A 346 10.45 2.96 30.65
CA SER A 346 9.89 4.28 30.64
C SER A 346 9.79 4.68 29.17
N THR A 347 8.91 5.61 28.85
CA THR A 347 8.93 6.18 27.49
C THR A 347 9.48 7.62 27.51
N ASP A 348 10.00 8.09 28.65
N ASP A 348 10.03 8.11 28.61
CA ASP A 348 10.65 9.40 28.71
CA ASP A 348 10.59 9.42 28.62
C ASP A 348 11.77 9.48 27.66
C ASP A 348 11.75 9.48 27.62
N PRO A 349 11.82 10.57 26.86
CA PRO A 349 12.70 10.49 25.71
C PRO A 349 14.16 10.35 26.12
N LYS A 350 14.63 11.07 27.14
CA LYS A 350 16.04 10.95 27.49
C LYS A 350 16.34 9.56 28.03
N ALA A 351 15.39 8.98 28.74
CA ALA A 351 15.57 7.61 29.27
C ALA A 351 15.66 6.55 28.16
N VAL A 352 14.78 6.65 27.18
CA VAL A 352 14.81 5.72 26.03
C VAL A 352 16.11 5.86 25.25
N ILE A 353 16.53 7.11 25.00
CA ILE A 353 17.76 7.36 24.28
C ILE A 353 18.95 6.75 25.00
N ALA A 354 19.07 7.03 26.30
CA ALA A 354 20.16 6.45 27.08
C ALA A 354 20.12 4.92 27.07
N ALA A 355 18.93 4.32 27.10
CA ALA A 355 18.82 2.85 27.09
C ALA A 355 19.26 2.27 25.71
N ILE A 356 18.88 2.93 24.64
CA ILE A 356 19.33 2.51 23.30
C ILE A 356 20.84 2.59 23.24
N GLU A 357 21.40 3.68 23.79
CA GLU A 357 22.88 3.82 23.83
C GLU A 357 23.56 2.80 24.70
N SER A 358 22.78 2.04 25.46
CA SER A 358 23.33 0.98 26.31
C SER A 358 23.30 -0.38 25.61
N ILE A 359 22.66 -0.45 24.44
CA ILE A 359 22.50 -1.74 23.74
C ILE A 359 23.82 -2.23 23.13
N LYS A 360 24.18 -3.47 23.44
CA LYS A 360 25.41 -4.03 22.93
C LYS A 360 25.15 -5.36 22.26
N ASP A 361 25.65 -5.51 21.05
CA ASP A 361 25.54 -6.78 20.32
C ASP A 361 24.12 -7.34 20.20
N TYR A 362 23.15 -6.48 19.93
CA TYR A 362 21.79 -6.90 19.70
C TYR A 362 21.76 -7.57 18.33
N GLN A 363 21.17 -8.76 18.27
CA GLN A 363 21.22 -9.57 17.05
C GLN A 363 20.07 -9.21 16.13
N GLY A 364 20.27 -8.15 15.36
CA GLY A 364 19.27 -7.72 14.39
C GLY A 364 19.35 -8.56 13.12
N VAL A 365 18.43 -8.29 12.20
CA VAL A 365 18.45 -8.98 10.92
C VAL A 365 19.62 -8.54 10.06
N ASN A 366 19.84 -7.24 9.96
CA ASN A 366 20.83 -6.74 9.03
C ASN A 366 22.26 -6.73 9.57
N THR A 367 22.39 -6.67 10.88
CA THR A 367 23.71 -6.63 11.48
C THR A 367 23.53 -6.83 12.98
N ALA A 368 24.62 -7.01 13.69
CA ALA A 368 24.58 -6.90 15.15
C ALA A 368 24.67 -5.40 15.48
N TYR A 369 23.84 -4.91 16.41
CA TYR A 369 23.85 -3.49 16.77
C TYR A 369 24.49 -3.23 18.13
N THR A 370 25.42 -2.27 18.15
CA THR A 370 26.00 -1.75 19.38
C THR A 370 25.98 -0.24 19.27
N PHE A 371 25.25 0.42 20.16
CA PHE A 371 25.17 1.87 20.09
C PHE A 371 25.91 2.46 21.26
N SER A 372 26.13 3.76 21.24
CA SER A 372 26.72 4.43 22.38
C SER A 372 26.38 5.90 22.23
N LYS A 373 26.85 6.73 23.17
CA LYS A 373 26.66 8.19 23.05
C LYS A 373 27.22 8.70 21.72
N GLU A 374 28.31 8.10 21.25
CA GLU A 374 28.92 8.54 19.99
C GLU A 374 28.47 7.77 18.76
N ARG A 375 28.12 6.50 18.94
CA ARG A 375 27.83 5.63 17.82
C ARG A 375 26.34 5.42 17.67
N HIS A 376 25.77 6.03 16.63
CA HIS A 376 24.32 5.98 16.40
C HIS A 376 23.98 5.31 15.05
N HIS A 377 24.89 4.50 14.49
CA HIS A 377 24.56 3.69 13.30
C HIS A 377 25.04 2.28 13.57
N GLY A 378 24.61 1.30 12.76
CA GLY A 378 25.02 -0.09 13.02
C GLY A 378 25.74 -0.79 11.88
N ILE A 379 25.27 -0.59 10.65
CA ILE A 379 25.84 -1.30 9.50
C ILE A 379 27.26 -0.82 9.14
N GLU A 380 28.20 -1.75 9.09
CA GLU A 380 29.57 -1.45 8.67
C GLU A 380 29.94 -2.28 7.44
N THR A 381 31.18 -2.20 6.97
CA THR A 381 31.54 -2.92 5.75
C THR A 381 31.45 -4.45 5.87
N ASP A 382 31.62 -4.99 7.08
CA ASP A 382 31.47 -6.44 7.26
C ASP A 382 30.05 -6.95 6.97
N GLY A 383 29.11 -6.01 6.94
CA GLY A 383 27.71 -6.33 6.69
C GLY A 383 27.30 -6.27 5.22
N VAL A 384 28.25 -5.95 4.33
CA VAL A 384 27.94 -5.81 2.91
C VAL A 384 28.93 -6.59 2.06
N LYS A 385 28.52 -6.87 0.82
CA LYS A 385 29.36 -7.54 -0.16
C LYS A 385 28.91 -7.09 -1.53
N VAL A 386 29.74 -7.35 -2.54
CA VAL A 386 29.39 -7.01 -3.91
C VAL A 386 28.72 -8.20 -4.58
N PHE A 387 27.58 -7.94 -5.22
CA PHE A 387 26.81 -9.00 -5.87
C PHE A 387 26.63 -8.70 -7.35
N GLU A 388 26.37 -9.73 -8.14
CA GLU A 388 26.17 -9.54 -9.56
C GLU A 388 24.95 -10.34 -10.00
N TYR A 389 24.16 -9.80 -10.94
CA TYR A 389 23.12 -10.57 -11.58
C TYR A 389 23.73 -11.60 -12.52
N VAL A 390 23.43 -12.88 -12.29
CA VAL A 390 23.87 -13.94 -13.19
C VAL A 390 22.69 -14.85 -13.58
N LYS A 391 22.74 -15.42 -14.78
CA LYS A 391 21.62 -16.27 -15.23
C LYS A 391 21.66 -17.65 -14.60
N LYS A 392 20.58 -17.99 -13.92
CA LYS A 392 20.41 -19.28 -13.26
C LYS A 392 19.34 -20.09 -14.00
N GLY A 393 19.79 -20.92 -14.93
CA GLY A 393 18.86 -21.63 -15.79
C GLY A 393 18.16 -20.64 -16.70
N ASP A 394 16.89 -20.39 -16.43
CA ASP A 394 16.10 -19.45 -17.22
C ASP A 394 15.58 -18.28 -16.40
N LYS A 395 16.22 -18.06 -15.25
CA LYS A 395 15.88 -16.94 -14.39
C LYS A 395 17.14 -16.08 -14.17
N ILE A 396 16.99 -14.91 -13.56
CA ILE A 396 18.14 -14.04 -13.34
C ILE A 396 18.23 -13.59 -11.89
N ARG A 397 19.26 -14.04 -11.18
CA ARG A 397 19.44 -13.65 -9.76
C ARG A 397 20.86 -13.26 -9.35
N LEU A 398 20.91 -12.56 -8.23
CA LEU A 398 22.16 -12.08 -7.63
C LEU A 398 23.01 -13.17 -6.98
N GLU A 399 24.28 -13.23 -7.36
CA GLU A 399 25.22 -14.03 -6.61
C GLU A 399 26.38 -13.15 -6.20
N PRO A 400 27.05 -13.50 -5.12
CA PRO A 400 28.21 -12.74 -4.68
C PRO A 400 29.33 -12.84 -5.70
N ILE A 401 30.14 -11.79 -5.81
CA ILE A 401 31.24 -11.74 -6.77
C ILE A 401 32.44 -12.54 -6.30
N ALA A 402 33.11 -13.16 -7.26
CA ALA A 402 34.27 -14.02 -7.00
C ALA A 402 35.01 -13.70 -5.71
N ALA B 26 2.36 -15.17 25.09
CA ALA B 26 1.96 -16.57 25.13
C ALA B 26 0.46 -16.74 24.97
N ALA B 27 -0.30 -15.66 25.20
CA ALA B 27 -1.75 -15.71 25.16
C ALA B 27 -2.31 -16.10 23.79
N ASP B 28 -3.41 -16.83 23.77
CA ASP B 28 -3.99 -17.15 22.49
C ASP B 28 -4.62 -15.92 21.89
N THR B 29 -4.59 -15.86 20.58
CA THR B 29 -5.15 -14.75 19.83
C THR B 29 -6.19 -15.26 18.84
N ILE B 30 -7.03 -14.34 18.38
CA ILE B 30 -8.03 -14.62 17.37
C ILE B 30 -7.43 -14.23 16.03
N LYS B 31 -7.19 -15.21 15.17
CA LYS B 31 -6.50 -14.93 13.92
C LYS B 31 -7.45 -14.80 12.75
N ILE B 32 -7.31 -13.74 11.97
CA ILE B 32 -8.13 -13.65 10.77
C ILE B 32 -7.24 -13.58 9.53
N GLY B 33 -7.81 -13.88 8.38
CA GLY B 33 -7.06 -13.81 7.14
C GLY B 33 -7.72 -12.90 6.14
N THR B 35 -7.36 -11.52 1.81
CA THR B 35 -6.73 -11.29 0.50
C THR B 35 -7.53 -10.23 -0.24
N SER B 36 -6.88 -9.26 -0.88
CA SER B 36 -7.61 -8.25 -1.66
C SER B 36 -6.66 -7.58 -2.65
N ALA B 37 -7.18 -6.58 -3.36
CA ALA B 37 -6.40 -5.87 -4.40
C ALA B 37 -5.47 -4.89 -3.73
N LEU B 38 -4.33 -5.35 -3.24
CA LEU B 38 -3.46 -4.45 -2.47
C LEU B 38 -2.64 -3.55 -3.40
N THR B 39 -2.38 -4.05 -4.60
CA THR B 39 -1.68 -3.28 -5.63
C THR B 39 -2.40 -3.39 -6.98
N GLY B 40 -1.94 -2.61 -7.95
CA GLY B 40 -2.52 -2.67 -9.28
C GLY B 40 -3.51 -1.56 -9.50
N PRO B 41 -4.17 -1.56 -10.66
CA PRO B 41 -5.03 -0.48 -11.15
C PRO B 41 -6.28 -0.25 -10.29
N TYR B 42 -6.66 -1.24 -9.48
CA TYR B 42 -7.86 -1.14 -8.65
C TYR B 42 -7.52 -1.24 -7.16
N ASN B 43 -6.29 -0.89 -6.79
CA ASN B 43 -5.87 -1.04 -5.40
C ASN B 43 -6.50 -0.05 -4.44
N GLU B 44 -7.25 0.92 -4.94
CA GLU B 44 -8.02 1.77 -4.02
C GLU B 44 -8.93 0.86 -3.16
N PHE B 45 -9.34 -0.27 -3.71
CA PHE B 45 -10.23 -1.15 -2.94
C PHE B 45 -9.52 -2.04 -1.92
N GLY B 46 -8.45 -2.72 -2.33
CA GLY B 46 -7.78 -3.64 -1.43
C GLY B 46 -7.01 -2.90 -0.35
N GLU B 47 -6.27 -1.88 -0.76
CA GLU B 47 -5.49 -1.12 0.21
C GLU B 47 -6.43 -0.32 1.11
N GLY B 48 -7.52 0.20 0.56
CA GLY B 48 -8.50 0.90 1.38
C GLY B 48 -9.10 -0.04 2.44
N ASN B 49 -9.52 -1.22 2.02
CA ASN B 49 -10.06 -2.22 2.96
C ASN B 49 -9.00 -2.68 3.95
N ARG B 50 -7.77 -2.84 3.50
CA ARG B 50 -6.70 -3.23 4.42
C ARG B 50 -6.53 -2.22 5.56
N ARG B 51 -6.54 -0.94 5.21
CA ARG B 51 -6.41 0.13 6.19
C ARG B 51 -7.60 0.15 7.15
N ALA B 52 -8.78 -0.14 6.62
CA ALA B 52 -9.99 -0.15 7.45
C ALA B 52 -9.96 -1.28 8.45
N VAL B 53 -9.60 -2.47 7.98
CA VAL B 53 -9.54 -3.65 8.84
C VAL B 53 -8.45 -3.46 9.90
N GLU B 54 -7.29 -2.94 9.49
N GLU B 54 -7.27 -2.94 9.60
CA GLU B 54 -6.20 -2.71 10.44
CA GLU B 54 -6.22 -2.74 10.61
C GLU B 54 -6.62 -1.75 11.52
C GLU B 54 -6.72 -1.77 11.63
N LEU B 55 -7.39 -0.75 11.15
CA LEU B 55 -7.90 0.22 12.12
C LEU B 55 -8.94 -0.43 13.08
N ALA B 56 -9.87 -1.21 12.54
CA ALA B 56 -10.83 -1.91 13.40
C ALA B 56 -10.10 -2.84 14.41
N VAL B 57 -9.16 -3.63 13.91
CA VAL B 57 -8.36 -4.52 14.77
C VAL B 57 -7.72 -3.74 15.92
N GLU B 58 -7.06 -2.62 15.60
N GLU B 58 -7.11 -2.60 15.59
CA GLU B 58 -6.42 -1.83 16.63
CA GLU B 58 -6.43 -1.74 16.56
C GLU B 58 -7.45 -1.35 17.65
C GLU B 58 -7.41 -1.25 17.61
N GLN B 59 -8.60 -0.90 17.16
CA GLN B 59 -9.60 -0.33 18.04
C GLN B 59 -10.16 -1.38 18.99
N TRP B 60 -10.47 -2.56 18.47
CA TRP B 60 -10.90 -3.66 19.35
C TRP B 60 -9.82 -4.05 20.36
N ASN B 61 -8.56 -4.15 19.89
CA ASN B 61 -7.47 -4.57 20.76
C ASN B 61 -7.24 -3.57 21.90
N ALA B 62 -7.46 -2.28 21.61
CA ALA B 62 -7.29 -1.25 22.64
C ALA B 62 -8.30 -1.42 23.79
N LYS B 63 -9.41 -2.09 23.49
CA LYS B 63 -10.45 -2.31 24.48
C LYS B 63 -10.31 -3.68 25.09
N GLY B 64 -9.21 -4.36 24.79
CA GLY B 64 -8.94 -5.67 25.37
C GLY B 64 -9.06 -6.82 24.38
N GLY B 65 -9.50 -6.52 23.17
CA GLY B 65 -9.66 -7.57 22.16
C GLY B 65 -11.12 -8.02 22.14
N ILE B 66 -11.32 -9.31 21.88
CA ILE B 66 -12.68 -9.83 21.89
C ILE B 66 -12.77 -10.70 23.13
N ASN B 67 -13.52 -10.24 24.12
CA ASN B 67 -13.59 -10.95 25.41
C ASN B 67 -12.22 -11.33 25.96
N GLY B 68 -11.31 -10.36 25.92
CA GLY B 68 -9.99 -10.57 26.51
C GLY B 68 -8.92 -11.07 25.56
N LYS B 69 -9.30 -11.58 24.39
CA LYS B 69 -8.33 -12.17 23.46
C LYS B 69 -8.04 -11.21 22.31
N LYS B 70 -6.76 -10.95 22.08
CA LYS B 70 -6.35 -10.01 21.04
C LYS B 70 -6.52 -10.62 19.64
N ILE B 71 -6.84 -9.75 18.68
CA ILE B 71 -7.04 -10.12 17.27
C ILE B 71 -5.76 -9.89 16.50
N GLU B 72 -5.41 -10.85 15.65
N GLU B 72 -5.43 -10.81 15.60
CA GLU B 72 -4.29 -10.65 14.74
CA GLU B 72 -4.24 -10.67 14.76
C GLU B 72 -4.82 -10.84 13.34
C GLU B 72 -4.58 -11.00 13.32
N ILE B 73 -4.26 -10.09 12.40
CA ILE B 73 -4.41 -10.42 10.98
C ILE B 73 -3.22 -11.29 10.61
N ALA B 74 -3.44 -12.59 10.68
CA ALA B 74 -2.34 -13.55 10.53
C ALA B 74 -1.82 -13.65 9.10
N LEU B 76 -2.12 -11.63 5.20
CA LEU B 76 -2.60 -10.48 4.44
C LEU B 76 -1.99 -10.57 3.05
N LEU B 77 -2.78 -11.05 2.08
CA LEU B 77 -2.26 -11.38 0.75
C LEU B 77 -2.82 -10.45 -0.32
N ASP B 78 -2.10 -10.33 -1.43
CA ASP B 78 -2.44 -9.41 -2.52
C ASP B 78 -2.94 -10.26 -3.71
N ASP B 79 -4.17 -10.01 -4.18
CA ASP B 79 -4.63 -10.59 -5.45
C ASP B 79 -4.83 -9.61 -6.62
N GLN B 80 -4.58 -8.32 -6.41
CA GLN B 80 -4.67 -7.35 -7.52
C GLN B 80 -6.02 -7.34 -8.27
N LEU B 81 -7.11 -7.79 -7.62
CA LEU B 81 -8.43 -7.90 -8.23
C LEU B 81 -8.46 -8.95 -9.34
N ASN B 82 -7.45 -9.82 -9.34
CA ASN B 82 -7.30 -10.86 -10.36
C ASN B 82 -7.88 -12.18 -9.83
N PRO B 83 -8.81 -12.82 -10.57
CA PRO B 83 -9.44 -14.03 -10.04
C PRO B 83 -8.49 -15.21 -9.81
N ASP B 84 -7.52 -15.43 -10.70
CA ASP B 84 -6.56 -16.52 -10.50
C ASP B 84 -5.73 -16.35 -9.24
N ARG B 85 -5.26 -15.12 -8.98
CA ARG B 85 -4.48 -14.83 -7.79
C ARG B 85 -5.33 -15.04 -6.53
N ALA B 86 -6.58 -14.61 -6.61
CA ALA B 86 -7.52 -14.73 -5.50
C ALA B 86 -7.70 -16.19 -5.13
N VAL B 87 -7.79 -17.04 -6.14
CA VAL B 87 -7.93 -18.48 -5.90
C VAL B 87 -6.74 -19.07 -5.14
N GLN B 88 -5.54 -18.71 -5.55
CA GLN B 88 -4.34 -19.15 -4.83
C GLN B 88 -4.27 -18.64 -3.38
N ASN B 89 -4.59 -17.38 -3.21
CA ASN B 89 -4.52 -16.81 -1.86
C ASN B 89 -5.56 -17.42 -0.91
N ILE B 90 -6.77 -17.66 -1.41
CA ILE B 90 -7.81 -18.27 -0.56
C ILE B 90 -7.44 -19.69 -0.17
N ARG B 91 -6.90 -20.46 -1.12
CA ARG B 91 -6.37 -21.79 -0.83
C ARG B 91 -5.39 -21.72 0.36
N ALA B 92 -4.47 -20.76 0.28
CA ALA B 92 -3.45 -20.55 1.31
C ALA B 92 -4.04 -20.18 2.68
N ILE B 93 -5.00 -19.26 2.66
CA ILE B 93 -5.62 -18.84 3.90
C ILE B 93 -6.39 -20.03 4.50
N LEU B 94 -7.18 -20.70 3.68
CA LEU B 94 -8.00 -21.84 4.18
C LEU B 94 -7.13 -22.95 4.72
N ASP B 95 -5.94 -23.10 4.14
CA ASP B 95 -5.02 -24.11 4.59
C ASP B 95 -4.52 -23.90 6.02
N ASN B 96 -4.63 -22.68 6.53
CA ASN B 96 -4.24 -22.39 7.89
C ASN B 96 -5.43 -22.67 8.81
N LYS B 97 -5.36 -23.78 9.52
CA LYS B 97 -6.46 -24.22 10.37
C LYS B 97 -6.78 -23.23 11.47
N ASP B 98 -5.83 -22.35 11.82
CA ASP B 98 -6.03 -21.43 12.94
C ASP B 98 -6.77 -20.14 12.59
N ILE B 99 -6.99 -19.91 11.29
CA ILE B 99 -7.77 -18.75 10.83
C ILE B 99 -9.23 -18.99 11.22
N VAL B 100 -9.82 -18.01 11.86
N VAL B 100 -9.86 -18.03 11.87
CA VAL B 100 -11.17 -18.15 12.38
CA VAL B 100 -11.24 -18.23 12.32
C VAL B 100 -12.18 -17.55 11.40
C VAL B 100 -12.25 -17.41 11.54
N GLY B 101 -11.75 -16.52 10.68
CA GLY B 101 -12.63 -15.76 9.80
C GLY B 101 -11.82 -15.06 8.72
N ILE B 102 -12.48 -14.70 7.62
CA ILE B 102 -11.78 -14.17 6.46
C ILE B 102 -12.45 -12.90 5.98
N ILE B 103 -11.65 -11.89 5.66
CA ILE B 103 -12.18 -10.72 4.93
C ILE B 103 -11.78 -10.95 3.46
N GLY B 104 -12.77 -11.10 2.59
CA GLY B 104 -12.54 -11.57 1.23
C GLY B 104 -12.15 -10.45 0.27
N PRO B 105 -11.79 -10.82 -0.96
CA PRO B 105 -11.29 -9.82 -1.93
C PRO B 105 -12.36 -8.87 -2.45
N ALA B 106 -11.91 -7.68 -2.85
CA ALA B 106 -12.74 -6.86 -3.70
C ALA B 106 -12.97 -7.55 -5.05
N GLY B 107 -14.05 -7.19 -5.72
CA GLY B 107 -14.23 -7.63 -7.09
C GLY B 107 -15.15 -8.82 -7.23
N SER B 108 -16.14 -8.69 -8.10
CA SER B 108 -17.02 -9.79 -8.42
C SER B 108 -16.24 -10.93 -9.08
N GLY B 109 -15.25 -10.57 -9.90
CA GLY B 109 -14.42 -11.58 -10.57
C GLY B 109 -13.77 -12.52 -9.56
N PRO B 110 -12.88 -11.98 -8.73
CA PRO B 110 -12.27 -12.71 -7.62
C PRO B 110 -13.27 -13.48 -6.74
N LEU B 112 -16.44 -14.53 -7.31
CA LEU B 112 -17.09 -15.64 -7.99
C LEU B 112 -16.11 -16.81 -8.22
N ALA B 113 -14.82 -16.51 -8.33
CA ALA B 113 -13.80 -17.56 -8.51
C ALA B 113 -13.49 -18.40 -7.26
N VAL B 114 -13.69 -17.84 -6.08
CA VAL B 114 -13.30 -18.53 -4.84
C VAL B 114 -14.50 -18.97 -4.03
N ILE B 115 -15.70 -18.55 -4.45
CA ILE B 115 -16.88 -18.69 -3.61
C ILE B 115 -17.28 -20.16 -3.29
N ASP B 116 -17.14 -21.06 -4.26
CA ASP B 116 -17.45 -22.47 -3.97
C ASP B 116 -16.53 -23.04 -2.86
N VAL B 118 -14.96 -21.33 -0.56
CA VAL B 118 -15.22 -20.62 0.65
C VAL B 118 -16.47 -21.15 1.33
N GLN B 119 -17.53 -21.36 0.54
CA GLN B 119 -18.75 -21.92 1.06
C GLN B 119 -18.56 -23.35 1.63
N ALA B 120 -17.86 -24.18 0.89
CA ALA B 120 -17.61 -25.55 1.34
C ALA B 120 -16.77 -25.57 2.63
N ASP B 121 -15.84 -24.64 2.75
CA ASP B 121 -15.01 -24.56 3.96
C ASP B 121 -15.88 -24.26 5.17
N GLY B 122 -16.75 -23.26 5.03
CA GLY B 122 -17.76 -23.00 6.07
C GLY B 122 -17.38 -21.97 7.13
N ARG B 123 -16.13 -21.53 7.17
CA ARG B 123 -15.76 -20.47 8.13
C ARG B 123 -16.36 -19.11 7.75
N PRO B 124 -16.64 -18.28 8.75
CA PRO B 124 -17.25 -16.96 8.52
C PRO B 124 -16.43 -16.17 7.51
N TYR B 125 -17.10 -15.69 6.48
CA TYR B 125 -16.45 -15.03 5.39
C TYR B 125 -17.16 -13.70 5.08
N ASN B 127 -17.76 -10.54 2.70
CA ASN B 127 -17.61 -9.98 1.37
C ASN B 127 -17.80 -8.47 1.40
N PRO B 128 -16.71 -7.69 1.39
CA PRO B 128 -16.87 -6.24 1.65
C PRO B 128 -17.43 -5.45 0.49
N ILE B 129 -17.12 -5.84 -0.74
CA ILE B 129 -17.41 -4.94 -1.86
C ILE B 129 -18.21 -5.52 -3.02
N ALA B 130 -17.87 -6.74 -3.46
CA ALA B 130 -18.41 -7.29 -4.71
C ALA B 130 -19.93 -7.25 -4.76
N GLN B 131 -20.46 -6.65 -5.83
CA GLN B 131 -21.87 -6.26 -5.88
C GLN B 131 -22.76 -7.19 -6.67
N THR B 132 -22.17 -8.22 -7.29
CA THR B 132 -22.97 -9.24 -7.97
C THR B 132 -23.77 -10.08 -6.97
N PRO B 133 -25.11 -10.07 -7.09
CA PRO B 133 -25.95 -10.61 -6.02
C PRO B 133 -25.70 -12.09 -5.68
N VAL B 134 -25.32 -12.88 -6.67
CA VAL B 134 -25.19 -14.31 -6.42
C VAL B 134 -23.98 -14.66 -5.57
N VAL B 135 -23.15 -13.66 -5.29
CA VAL B 135 -22.05 -13.84 -4.31
C VAL B 135 -22.63 -14.31 -2.99
N THR B 136 -23.73 -13.68 -2.61
CA THR B 136 -24.39 -14.00 -1.35
C THR B 136 -25.64 -14.88 -1.52
N TYR B 137 -26.41 -14.62 -2.56
CA TYR B 137 -27.70 -15.28 -2.75
C TYR B 137 -27.77 -15.96 -4.12
N PRO B 138 -27.20 -17.19 -4.22
CA PRO B 138 -27.08 -17.85 -5.52
C PRO B 138 -28.43 -18.19 -6.15
N GLY B 139 -29.49 -18.22 -5.34
CA GLY B 139 -30.84 -18.48 -5.84
C GLY B 139 -31.51 -17.29 -6.50
N GLU B 140 -30.75 -16.22 -6.73
CA GLU B 140 -31.23 -15.04 -7.47
C GLU B 140 -32.36 -14.29 -6.76
N LYS B 141 -32.65 -14.65 -5.52
CA LYS B 141 -33.59 -13.87 -4.74
C LYS B 141 -32.89 -13.26 -3.52
N THR B 142 -32.69 -11.94 -3.59
CA THR B 142 -32.03 -11.21 -2.53
C THR B 142 -32.75 -11.33 -1.19
N GLY B 143 -32.00 -11.68 -0.15
CA GLY B 143 -32.56 -11.83 1.17
C GLY B 143 -33.22 -13.18 1.41
N GLU B 144 -32.97 -14.16 0.53
CA GLU B 144 -33.48 -15.54 0.73
C GLU B 144 -32.41 -16.60 0.44
N LYS B 145 -32.33 -17.61 1.30
CA LYS B 145 -31.36 -18.70 1.12
C LYS B 145 -29.91 -18.27 0.83
N PRO B 146 -29.32 -17.43 1.71
CA PRO B 146 -27.95 -17.03 1.40
C PRO B 146 -26.96 -18.19 1.58
N ARG B 147 -25.75 -18.06 1.04
CA ARG B 147 -24.71 -19.00 1.40
C ARG B 147 -24.51 -18.86 2.90
N PRO B 148 -24.49 -19.98 3.65
CA PRO B 148 -24.64 -19.91 5.11
C PRO B 148 -23.53 -19.16 5.81
N ASN B 149 -22.31 -19.18 5.27
CA ASN B 149 -21.19 -18.57 5.98
C ASN B 149 -20.78 -17.21 5.43
N VAL B 150 -21.51 -16.71 4.44
CA VAL B 150 -21.10 -15.49 3.75
C VAL B 150 -21.94 -14.29 4.16
N PHE B 151 -21.29 -13.20 4.56
CA PHE B 151 -21.98 -11.96 4.89
C PHE B 151 -21.40 -10.81 4.08
N SER B 152 -22.30 -9.98 3.56
CA SER B 152 -21.91 -9.03 2.54
C SER B 152 -22.11 -7.59 2.97
N PHE B 153 -21.09 -6.77 2.70
CA PHE B 153 -21.07 -5.33 3.01
C PHE B 153 -21.12 -4.49 1.74
N ALA B 154 -21.46 -5.16 0.67
CA ALA B 154 -21.59 -4.54 -0.64
C ALA B 154 -22.90 -3.78 -0.77
N LEU B 155 -22.89 -2.79 -1.64
CA LEU B 155 -24.11 -2.25 -2.21
C LEU B 155 -24.44 -3.18 -3.37
N GLN B 156 -25.44 -4.08 -3.23
CA GLN B 156 -25.73 -4.99 -4.35
C GLN B 156 -26.27 -4.26 -5.58
N ASN B 157 -25.98 -4.80 -6.77
CA ASN B 157 -26.50 -4.23 -8.03
C ASN B 157 -28.00 -4.01 -8.05
N ASP B 158 -28.76 -4.98 -7.57
CA ASP B 158 -30.21 -4.85 -7.59
C ASP B 158 -30.69 -3.70 -6.69
N ILE B 159 -29.81 -3.28 -5.79
CA ILE B 159 -30.12 -2.19 -4.88
C ILE B 159 -29.68 -0.89 -5.52
N GLU B 160 -28.46 -0.85 -6.05
CA GLU B 160 -27.95 0.35 -6.72
C GLU B 160 -28.86 0.76 -7.88
N ALA B 161 -29.40 -0.23 -8.59
CA ALA B 161 -30.22 0.04 -9.78
C ALA B 161 -31.54 0.72 -9.45
N VAL B 162 -32.04 0.53 -8.24
CA VAL B 162 -33.27 1.19 -7.83
C VAL B 162 -33.21 2.72 -8.02
N ALA B 163 -32.21 3.40 -7.44
CA ALA B 163 -32.14 4.86 -7.60
C ALA B 163 -31.64 5.30 -8.96
N GLY B 165 -31.89 3.74 -11.90
CA GLY B 165 -32.95 3.52 -12.88
C GLY B 165 -34.06 4.54 -12.83
N GLU B 166 -34.53 4.86 -11.62
N GLU B 166 -34.51 4.86 -11.61
CA GLU B 166 -35.55 5.90 -11.46
CA GLU B 166 -35.52 5.89 -11.38
C GLU B 166 -35.06 7.24 -12.02
C GLU B 166 -35.07 7.27 -11.90
N TYR B 167 -33.76 7.52 -11.86
CA TYR B 167 -33.21 8.77 -12.37
C TYR B 167 -33.06 8.79 -13.89
N LEU B 168 -32.52 7.73 -14.47
CA LEU B 168 -32.29 7.72 -15.92
C LEU B 168 -33.62 7.74 -16.69
N ALA B 169 -34.57 6.95 -16.21
CA ALA B 169 -35.91 6.87 -16.80
C ALA B 169 -36.54 8.25 -16.99
N LYS B 170 -36.48 9.08 -15.95
CA LYS B 170 -37.18 10.36 -15.97
C LYS B 170 -36.34 11.51 -16.54
N LYS B 171 -35.05 11.30 -16.69
CA LYS B 171 -34.16 12.37 -17.09
C LYS B 171 -33.75 12.29 -18.56
N PHE B 172 -33.64 11.07 -19.09
CA PHE B 172 -33.13 10.90 -20.46
C PHE B 172 -34.02 9.98 -21.29
N LYS B 173 -33.93 10.11 -22.61
CA LYS B 173 -34.79 9.35 -23.51
C LYS B 173 -34.01 8.37 -24.40
N ARG B 174 -32.75 8.65 -24.64
N ARG B 174 -32.73 8.65 -24.61
CA ARG B 174 -31.89 7.76 -25.42
CA ARG B 174 -31.88 7.78 -25.43
C ARG B 174 -30.62 7.38 -24.65
C ARG B 174 -30.62 7.37 -24.67
N VAL B 175 -30.77 6.42 -23.74
CA VAL B 175 -29.67 5.98 -22.91
C VAL B 175 -28.81 4.89 -23.55
N GLY B 176 -27.50 5.10 -23.59
CA GLY B 176 -26.57 4.06 -24.01
C GLY B 176 -25.92 3.46 -22.79
N ILE B 177 -25.56 2.17 -22.85
CA ILE B 177 -24.96 1.53 -21.68
C ILE B 177 -23.61 0.89 -22.01
N ILE B 178 -22.58 1.24 -21.25
CA ILE B 178 -21.25 0.64 -21.42
C ILE B 178 -20.81 0.02 -20.09
N HIS B 179 -20.41 -1.25 -20.12
CA HIS B 179 -20.01 -1.91 -18.87
C HIS B 179 -18.73 -2.68 -19.03
N GLU B 180 -17.98 -2.84 -17.94
CA GLU B 180 -16.81 -3.73 -17.95
C GLU B 180 -17.33 -5.17 -18.11
N SER B 181 -16.50 -6.04 -18.64
CA SER B 181 -16.92 -7.42 -18.90
C SER B 181 -16.67 -8.33 -17.69
N THR B 182 -17.43 -8.08 -16.63
CA THR B 182 -17.44 -8.91 -15.44
C THR B 182 -18.91 -9.07 -15.05
N ALA B 183 -19.17 -9.98 -14.12
CA ALA B 183 -20.50 -10.14 -13.57
C ALA B 183 -20.98 -8.85 -12.94
N TYR B 184 -20.04 -8.05 -12.44
CA TYR B 184 -20.37 -6.72 -11.92
C TYR B 184 -21.02 -5.88 -13.02
N GLY B 185 -20.35 -5.79 -14.16
CA GLY B 185 -20.86 -5.02 -15.29
C GLY B 185 -22.08 -5.69 -15.91
N VAL B 186 -22.01 -7.01 -16.05
CA VAL B 186 -23.06 -7.73 -16.76
C VAL B 186 -24.39 -7.75 -16.00
N THR B 187 -24.33 -8.07 -14.70
CA THR B 187 -25.54 -8.05 -13.88
C THR B 187 -25.93 -6.62 -13.64
N GLY B 188 -24.93 -5.73 -13.62
CA GLY B 188 -25.15 -4.31 -13.52
C GLY B 188 -26.11 -3.85 -14.59
N VAL B 189 -25.82 -4.17 -15.85
CA VAL B 189 -26.67 -3.72 -16.96
C VAL B 189 -28.10 -4.28 -16.87
N ASP B 190 -28.23 -5.53 -16.43
CA ASP B 190 -29.55 -6.16 -16.44
C ASP B 190 -30.43 -5.49 -15.42
N TYR B 191 -29.89 -5.29 -14.22
CA TYR B 191 -30.62 -4.61 -13.16
C TYR B 191 -30.89 -3.15 -13.50
N LEU B 192 -29.92 -2.48 -14.11
CA LEU B 192 -30.13 -1.09 -14.53
C LEU B 192 -31.26 -1.01 -15.57
N ALA B 193 -31.12 -1.76 -16.66
CA ALA B 193 -32.17 -1.79 -17.70
C ALA B 193 -33.54 -2.14 -17.12
N ALA B 194 -33.58 -3.15 -16.25
CA ALA B 194 -34.83 -3.59 -15.64
C ALA B 194 -35.45 -2.47 -14.82
N SER B 195 -34.62 -1.74 -14.08
CA SER B 195 -35.09 -0.62 -13.27
C SER B 195 -35.61 0.53 -14.12
N ILE B 196 -34.96 0.76 -15.25
CA ILE B 196 -35.35 1.82 -16.16
C ILE B 196 -36.72 1.50 -16.72
N ALA B 197 -36.90 0.25 -17.15
CA ALA B 197 -38.18 -0.23 -17.66
C ALA B 197 -39.27 -0.09 -16.60
N LYS B 198 -39.07 -0.73 -15.45
CA LYS B 198 -39.98 -0.62 -14.33
C LYS B 198 -40.45 0.81 -14.06
N ASN B 199 -39.56 1.78 -14.26
CA ASN B 199 -39.89 3.18 -14.05
C ASN B 199 -40.45 3.90 -15.28
N GLY B 200 -40.82 3.12 -16.30
CA GLY B 200 -41.49 3.69 -17.46
C GLY B 200 -40.54 4.42 -18.39
N GLY B 201 -39.26 4.05 -18.33
CA GLY B 201 -38.28 4.64 -19.21
C GLY B 201 -38.17 3.93 -20.55
N ALA B 202 -37.64 4.63 -21.54
CA ALA B 202 -37.42 4.04 -22.85
C ALA B 202 -36.39 2.91 -22.76
N LYS B 203 -36.38 2.00 -23.72
CA LYS B 203 -35.36 0.96 -23.75
C LYS B 203 -34.01 1.60 -24.03
N PRO B 204 -32.93 1.02 -23.48
CA PRO B 204 -31.59 1.50 -23.84
C PRO B 204 -31.35 1.35 -25.33
N VAL B 205 -30.77 2.39 -25.94
CA VAL B 205 -30.63 2.51 -27.38
C VAL B 205 -29.37 1.82 -27.94
N ALA B 206 -28.44 1.53 -27.03
CA ALA B 206 -27.18 0.93 -27.42
C ALA B 206 -26.51 0.36 -26.19
N THR B 207 -25.84 -0.78 -26.37
CA THR B 207 -25.15 -1.45 -25.27
C THR B 207 -23.79 -1.89 -25.78
N ASP B 208 -22.76 -1.76 -24.94
CA ASP B 208 -21.45 -2.27 -25.29
C ASP B 208 -20.58 -2.51 -24.06
N SER B 209 -19.39 -3.07 -24.28
CA SER B 209 -18.53 -3.47 -23.18
C SER B 209 -17.06 -3.26 -23.49
N TYR B 210 -16.26 -3.33 -22.43
CA TYR B 210 -14.82 -3.22 -22.56
C TYR B 210 -14.23 -4.17 -21.53
N ASN B 211 -12.97 -4.54 -21.72
CA ASN B 211 -12.27 -5.35 -20.75
C ASN B 211 -11.52 -4.42 -19.80
N GLN B 212 -11.44 -4.78 -18.52
CA GLN B 212 -10.75 -3.95 -17.55
C GLN B 212 -9.34 -3.65 -18.06
N GLY B 213 -8.99 -2.37 -18.15
CA GLY B 213 -7.67 -1.95 -18.56
C GLY B 213 -7.57 -1.56 -20.03
N ALA B 214 -8.64 -1.80 -20.79
CA ALA B 214 -8.68 -1.42 -22.21
C ALA B 214 -8.32 0.05 -22.41
N GLN B 215 -7.41 0.32 -23.35
CA GLN B 215 -6.93 1.68 -23.58
C GLN B 215 -7.72 2.36 -24.68
N ASP B 216 -8.21 1.56 -25.62
CA ASP B 216 -8.97 2.05 -26.76
C ASP B 216 -10.44 1.74 -26.57
N THR B 218 -12.68 3.65 -28.52
CA THR B 218 -13.22 4.37 -29.68
C THR B 218 -14.48 3.75 -30.28
N ALA B 219 -14.45 2.43 -30.46
CA ALA B 219 -15.55 1.71 -31.11
C ALA B 219 -16.83 1.83 -30.30
N GLN B 220 -16.72 1.61 -29.00
CA GLN B 220 -17.88 1.69 -28.10
C GLN B 220 -18.49 3.09 -28.11
N VAL B 221 -17.62 4.10 -27.99
CA VAL B 221 -18.08 5.48 -27.97
C VAL B 221 -18.66 5.88 -29.33
N ALA B 222 -18.02 5.44 -30.41
CA ALA B 222 -18.55 5.75 -31.75
C ALA B 222 -19.90 5.11 -31.98
N ARG B 223 -20.10 3.94 -31.39
CA ARG B 223 -21.40 3.28 -31.41
C ARG B 223 -22.45 4.12 -30.69
N LYS B 225 -22.34 7.29 -30.21
CA LYS B 225 -22.52 8.51 -31.00
C LYS B 225 -23.55 8.28 -32.13
N ARG B 226 -23.44 7.16 -32.81
CA ARG B 226 -24.38 6.79 -33.87
C ARG B 226 -25.80 6.55 -33.34
N ALA B 227 -25.91 5.97 -32.15
CA ALA B 227 -27.21 5.77 -31.54
C ALA B 227 -27.84 7.10 -31.09
N ASN B 228 -27.10 8.19 -31.24
CA ASN B 228 -27.58 9.52 -30.87
C ASN B 228 -28.03 9.56 -29.40
N VAL B 229 -27.19 9.04 -28.52
CA VAL B 229 -27.51 8.99 -27.11
C VAL B 229 -27.63 10.38 -26.51
N ASP B 230 -28.45 10.52 -25.46
CA ASP B 230 -28.43 11.75 -24.67
C ASP B 230 -27.72 11.54 -23.33
N ALA B 231 -27.40 10.29 -23.02
CA ALA B 231 -26.61 9.96 -21.84
C ALA B 231 -25.94 8.62 -22.02
N ILE B 232 -24.80 8.45 -21.39
CA ILE B 232 -24.17 7.14 -21.34
C ILE B 232 -24.12 6.66 -19.90
N ALA B 233 -24.59 5.45 -19.66
CA ALA B 233 -24.45 4.82 -18.36
C ALA B 233 -23.29 3.85 -18.40
N ALA B 234 -22.41 3.93 -17.40
CA ALA B 234 -21.27 3.04 -17.34
C ALA B 234 -21.24 2.27 -16.03
N ILE B 235 -20.96 0.98 -16.13
CA ILE B 235 -20.79 0.15 -14.94
C ILE B 235 -19.38 -0.40 -14.94
N GLY B 236 -18.56 0.10 -14.03
CA GLY B 236 -17.16 -0.28 -13.99
C GLY B 236 -16.44 0.51 -12.93
N LEU B 237 -15.11 0.55 -13.02
CA LEU B 237 -14.29 1.16 -12.00
C LEU B 237 -13.58 2.40 -12.52
N GLY B 238 -13.03 3.17 -11.59
CA GLY B 238 -12.54 4.50 -11.85
C GLY B 238 -11.51 4.67 -12.96
N LYS B 239 -10.50 3.82 -12.97
CA LYS B 239 -9.41 3.94 -13.96
C LYS B 239 -9.99 3.81 -15.38
N ASP B 240 -10.92 2.88 -15.53
CA ASP B 240 -11.57 2.66 -16.83
C ASP B 240 -12.54 3.76 -17.18
N LEU B 241 -13.33 4.20 -16.20
CA LEU B 241 -14.31 5.25 -16.44
C LEU B 241 -13.61 6.51 -16.94
N ALA B 242 -12.40 6.75 -16.44
CA ALA B 242 -11.62 7.92 -16.85
C ALA B 242 -11.27 7.83 -18.34
N VAL B 243 -10.77 6.67 -18.76
CA VAL B 243 -10.48 6.43 -20.20
C VAL B 243 -11.72 6.62 -21.06
N LEU B 244 -12.85 6.09 -20.59
CA LEU B 244 -14.12 6.27 -21.30
C LEU B 244 -14.53 7.74 -21.43
N ARG B 245 -14.43 8.49 -20.34
CA ARG B 245 -14.79 9.90 -20.35
C ARG B 245 -13.90 10.67 -21.32
N ARG B 246 -12.59 10.42 -21.25
N ARG B 246 -12.58 10.42 -21.25
CA ARG B 246 -11.63 11.05 -22.15
CA ARG B 246 -11.62 11.06 -22.14
C ARG B 246 -11.93 10.74 -23.62
C ARG B 246 -11.91 10.73 -23.61
N THR B 247 -12.33 9.49 -23.86
CA THR B 247 -12.67 9.06 -25.21
C THR B 247 -13.93 9.75 -25.74
N ALA B 249 -14.88 12.71 -24.96
CA ALA B 249 -14.51 14.09 -25.25
C ALA B 249 -13.74 14.17 -26.57
N ARG B 250 -12.86 13.20 -26.77
CA ARG B 250 -12.07 13.11 -27.98
C ARG B 250 -12.95 12.91 -29.21
N LEU B 251 -14.04 12.18 -29.08
CA LEU B 251 -14.94 11.96 -30.22
C LEU B 251 -16.15 12.90 -30.22
N ASN B 252 -16.05 13.97 -29.42
CA ASN B 252 -17.08 15.00 -29.41
C ASN B 252 -18.46 14.49 -28.96
N VAL B 253 -18.46 13.56 -28.02
CA VAL B 253 -19.69 13.03 -27.43
C VAL B 253 -19.82 13.63 -26.05
N ASN B 254 -20.49 14.77 -25.95
CA ASN B 254 -20.60 15.47 -24.68
C ASN B 254 -22.01 15.30 -24.11
N VAL B 255 -22.22 14.17 -23.45
CA VAL B 255 -23.51 13.88 -22.83
C VAL B 255 -23.22 13.46 -21.40
N PRO B 256 -24.23 13.58 -20.51
CA PRO B 256 -24.00 13.13 -19.13
C PRO B 256 -23.48 11.69 -19.09
N LEU B 257 -22.55 11.41 -18.19
CA LEU B 257 -22.09 10.04 -17.96
C LEU B 257 -22.57 9.62 -16.59
N ALA B 258 -23.43 8.60 -16.57
CA ALA B 258 -23.99 8.07 -15.34
C ALA B 258 -23.25 6.81 -14.92
N ALA B 259 -22.47 6.91 -13.84
CA ALA B 259 -21.57 5.83 -13.44
C ALA B 259 -21.99 5.13 -12.13
N SER B 260 -21.49 3.91 -11.95
CA SER B 260 -21.70 3.19 -10.70
C SER B 260 -20.90 3.79 -9.52
N ASN B 261 -21.37 3.59 -8.26
CA ASN B 261 -20.69 4.00 -7.03
C ASN B 261 -19.21 3.65 -7.05
N GLY B 262 -18.91 2.44 -7.51
CA GLY B 262 -17.60 1.88 -7.48
C GLY B 262 -16.75 2.73 -8.48
N ALA B 263 -17.07 3.70 -9.36
N ALA B 263 -17.08 3.76 -9.31
CA ALA B 263 -16.22 4.18 -10.40
CA ALA B 263 -16.18 4.48 -10.17
C ALA B 263 -15.85 5.52 -10.02
C ALA B 263 -16.03 5.87 -9.71
N LEU B 264 -16.57 6.11 -9.09
N LEU B 264 -16.80 6.34 -8.76
CA LEU B 264 -16.33 7.48 -8.84
CA LEU B 264 -16.80 7.76 -8.46
C LEU B 264 -15.02 7.56 -8.01
C LEU B 264 -15.83 8.21 -7.34
N GLY B 265 -14.90 8.53 -7.17
N GLY B 265 -14.56 8.00 -7.55
CA GLY B 265 -13.67 8.67 -6.41
CA GLY B 265 -13.59 8.42 -6.57
C GLY B 265 -12.41 8.98 -7.22
C GLY B 265 -12.33 8.90 -7.26
N GLN B 266 -11.25 8.64 -6.66
N GLN B 266 -11.17 8.63 -6.67
CA GLN B 266 -10.00 9.28 -7.05
CA GLN B 266 -9.93 9.31 -7.06
C GLN B 266 -9.32 8.89 -8.34
C GLN B 266 -9.30 8.90 -8.36
N PRO B 267 -9.29 7.61 -8.64
CA PRO B 267 -8.74 7.25 -9.97
C PRO B 267 -9.53 7.88 -11.13
N TYR B 268 -10.85 8.00 -10.98
CA TYR B 268 -11.66 8.68 -11.99
C TYR B 268 -11.30 10.16 -12.01
N GLN B 269 -11.36 10.81 -10.84
CA GLN B 269 -11.11 12.25 -10.73
C GLN B 269 -9.72 12.61 -11.24
N GLU B 270 -8.71 11.84 -10.84
CA GLU B 270 -7.34 12.05 -11.30
C GLU B 270 -7.23 11.92 -12.81
N GLY B 271 -7.79 10.86 -13.38
CA GLY B 271 -7.70 10.62 -14.82
C GLY B 271 -8.57 11.51 -15.69
N ALA B 272 -9.75 11.86 -15.21
CA ALA B 272 -10.69 12.64 -16.01
C ALA B 272 -10.52 14.15 -15.83
N GLY B 273 -10.05 14.58 -14.67
CA GLY B 273 -9.75 15.99 -14.46
C GLY B 273 -10.97 16.88 -14.61
N GLU B 274 -10.89 17.90 -15.46
CA GLU B 274 -12.01 18.81 -15.67
C GLU B 274 -13.26 18.10 -16.21
N LEU B 275 -13.06 16.96 -16.87
CA LEU B 275 -14.16 16.23 -17.49
C LEU B 275 -15.06 15.55 -16.48
N THR B 276 -14.67 15.52 -15.21
CA THR B 276 -15.52 14.91 -14.20
C THR B 276 -16.83 15.66 -14.06
N LEU B 277 -16.81 16.95 -14.37
CA LEU B 277 -18.02 17.77 -14.30
C LEU B 277 -19.15 17.21 -15.15
N GLY B 278 -20.32 17.05 -14.55
CA GLY B 278 -21.45 16.48 -15.27
C GLY B 278 -21.58 14.98 -15.11
N THR B 279 -20.53 14.31 -14.62
CA THR B 279 -20.64 12.89 -14.34
C THR B 279 -21.48 12.71 -13.08
N LEU B 280 -22.30 11.67 -13.06
CA LEU B 280 -23.16 11.48 -11.90
C LEU B 280 -23.28 10.02 -11.56
N GLY B 281 -23.79 9.75 -10.37
CA GLY B 281 -23.92 8.37 -9.92
C GLY B 281 -24.68 8.21 -8.63
N THR B 282 -25.10 6.97 -8.38
N THR B 282 -25.13 6.98 -8.40
CA THR B 282 -25.77 6.58 -7.14
CA THR B 282 -25.73 6.60 -7.13
C THR B 282 -24.70 6.09 -6.18
C THR B 282 -24.62 6.16 -6.20
N ILE B 284 -23.39 5.21 -1.91
CA ILE B 284 -23.62 5.05 -0.49
C ILE B 284 -23.37 6.43 0.07
N GLY B 285 -24.32 6.99 0.80
CA GLY B 285 -24.25 8.39 1.19
C GLY B 285 -23.77 8.68 2.60
N ALA B 286 -23.14 7.69 3.23
CA ALA B 286 -22.76 7.79 4.63
C ALA B 286 -21.91 9.02 4.96
N PHE B 287 -21.02 9.40 4.05
CA PHE B 287 -20.16 10.56 4.27
C PHE B 287 -20.70 11.89 3.73
N GLY B 288 -21.97 11.91 3.33
CA GLY B 288 -22.61 13.12 2.83
C GLY B 288 -23.14 14.00 3.94
N ASN B 289 -24.14 14.81 3.62
CA ASN B 289 -24.80 15.63 4.62
C ASN B 289 -26.28 15.31 4.60
N PRO B 290 -26.83 14.84 5.72
CA PRO B 290 -26.20 14.60 7.02
C PRO B 290 -25.25 13.40 6.97
N ARG B 292 -23.76 10.14 8.89
CA ARG B 292 -24.05 9.26 10.02
C ARG B 292 -23.02 9.47 11.13
N ALA B 293 -23.46 9.41 12.38
CA ALA B 293 -22.55 9.58 13.51
C ALA B 293 -21.37 8.60 13.44
N PRO B 294 -21.64 7.30 13.25
CA PRO B 294 -20.47 6.39 13.15
C PRO B 294 -19.52 6.68 11.97
N ALA B 295 -20.02 7.27 10.90
CA ALA B 295 -19.18 7.69 9.80
C ALA B 295 -18.32 8.87 10.21
N ALA B 296 -18.89 9.81 10.96
CA ALA B 296 -18.10 10.91 11.51
C ALA B 296 -17.01 10.39 12.44
N ASP B 297 -17.34 9.43 13.29
CA ASP B 297 -16.38 8.84 14.21
C ASP B 297 -15.27 8.15 13.44
N PHE B 298 -15.64 7.37 12.42
CA PHE B 298 -14.67 6.66 11.60
C PHE B 298 -13.75 7.64 10.85
N ALA B 299 -14.33 8.68 10.26
CA ALA B 299 -13.53 9.68 9.56
C ALA B 299 -12.46 10.30 10.48
N LYS B 300 -12.87 10.69 11.67
CA LYS B 300 -11.98 11.26 12.67
C LYS B 300 -10.86 10.29 13.03
N ALA B 301 -11.21 9.01 13.23
CA ALA B 301 -10.20 8.02 13.58
C ALA B 301 -9.29 7.78 12.40
N TYR B 302 -9.87 7.75 11.20
CA TYR B 302 -9.08 7.46 9.99
C TYR B 302 -8.08 8.57 9.75
N LYS B 303 -8.55 9.81 9.80
CA LYS B 303 -7.70 10.97 9.60
C LYS B 303 -6.60 11.03 10.64
N ALA B 304 -6.92 10.69 11.88
CA ALA B 304 -5.92 10.78 12.95
C ALA B 304 -4.79 9.78 12.70
N LYS B 305 -5.10 8.70 12.01
CA LYS B 305 -4.12 7.63 11.78
C LYS B 305 -3.39 7.83 10.45
N TYR B 306 -4.15 8.02 9.38
CA TYR B 306 -3.58 8.03 8.03
C TYR B 306 -3.43 9.39 7.38
N GLY B 307 -3.95 10.43 8.04
CA GLY B 307 -3.92 11.76 7.49
C GLY B 307 -5.00 11.94 6.45
N THR B 308 -4.97 13.08 5.75
CA THR B 308 -5.91 13.30 4.66
C THR B 308 -5.28 12.75 3.41
N ASP B 309 -5.21 11.43 3.34
CA ASP B 309 -4.51 10.74 2.27
C ASP B 309 -5.32 10.60 1.00
N ARG B 310 -4.86 9.70 0.13
CA ARG B 310 -5.48 9.45 -1.15
C ARG B 310 -6.95 8.96 -1.02
N TRP B 311 -7.22 8.16 0.00
CA TRP B 311 -8.57 7.66 0.27
C TRP B 311 -9.48 8.76 0.81
N TRP B 312 -8.92 9.64 1.65
CA TRP B 312 -9.67 10.75 2.20
C TRP B 312 -10.08 11.67 1.07
N GLY B 313 -9.15 11.89 0.15
CA GLY B 313 -9.39 12.78 -0.97
C GLY B 313 -8.76 14.14 -0.76
N ASN B 314 -9.24 15.12 -1.53
CA ASN B 314 -8.59 16.43 -1.68
C ASN B 314 -9.06 17.52 -0.73
N ASP B 315 -10.22 17.35 -0.14
CA ASP B 315 -10.73 18.34 0.78
C ASP B 315 -10.40 17.89 2.20
N PRO B 316 -9.45 18.56 2.85
CA PRO B 316 -8.98 18.16 4.19
C PRO B 316 -10.09 18.31 5.23
N GLU B 317 -11.08 19.12 4.92
CA GLU B 317 -12.21 19.34 5.82
C GLU B 317 -13.32 18.28 5.71
N ASN B 318 -13.39 17.61 4.57
N ASN B 318 -13.38 17.60 4.56
CA ASN B 318 -14.46 16.64 4.34
CA ASN B 318 -14.45 16.66 4.26
C ASN B 318 -13.94 15.42 3.59
C ASN B 318 -13.94 15.41 3.57
N PRO B 319 -14.18 14.24 4.16
CA PRO B 319 -13.78 12.98 3.51
C PRO B 319 -14.66 12.78 2.26
N GLN B 320 -14.07 12.26 1.18
CA GLN B 320 -14.85 12.06 -0.05
C GLN B 320 -15.86 10.95 0.13
N LEU B 321 -16.98 11.08 -0.56
CA LEU B 321 -18.06 10.08 -0.48
C LEU B 321 -17.59 8.66 -0.81
N PHE B 322 -16.62 8.58 -1.71
CA PHE B 322 -16.07 7.29 -2.14
C PHE B 322 -15.42 6.46 -1.00
N ALA B 324 -16.84 5.40 1.48
CA ALA B 324 -17.83 4.37 1.85
C ALA B 324 -17.57 3.05 1.11
N ILE B 325 -17.19 3.16 -0.14
CA ILE B 325 -17.14 1.99 -0.98
C ILE B 325 -15.71 1.47 -1.14
N SER B 326 -14.72 2.24 -0.72
CA SER B 326 -13.33 1.79 -0.79
C SER B 326 -12.73 1.45 0.59
N VAL B 327 -13.31 2.00 1.66
CA VAL B 327 -12.66 1.82 2.96
C VAL B 327 -13.64 1.31 4.01
N SER B 328 -14.76 2.01 4.22
CA SER B 328 -15.58 1.73 5.39
C SER B 328 -16.46 0.49 5.26
N ASN B 329 -16.68 0.01 4.05
CA ASN B 329 -17.32 -1.33 3.93
C ASN B 329 -16.44 -2.42 4.56
N GLY B 330 -15.13 -2.29 4.34
CA GLY B 330 -14.14 -3.15 5.01
C GLY B 330 -14.13 -2.98 6.53
N TYR B 331 -14.27 -1.73 6.99
CA TYR B 331 -14.35 -1.47 8.42
C TYR B 331 -15.59 -2.13 9.03
N ASP B 332 -16.75 -1.89 8.43
CA ASP B 332 -17.98 -2.53 8.89
C ASP B 332 -17.85 -4.07 8.86
N ALA B 333 -17.27 -4.61 7.79
CA ALA B 333 -17.12 -6.07 7.68
C ALA B 333 -16.33 -6.63 8.86
N ALA B 334 -15.21 -5.99 9.19
CA ALA B 334 -14.41 -6.39 10.34
C ALA B 334 -15.17 -6.27 11.65
N ASN B 335 -15.79 -5.10 11.90
CA ASN B 335 -16.51 -4.93 13.16
C ASN B 335 -17.63 -5.95 13.36
N ILE B 336 -18.36 -6.24 12.29
CA ILE B 336 -19.41 -7.28 12.36
C ILE B 336 -18.85 -8.67 12.64
N LEU B 337 -17.74 -9.02 11.98
CA LEU B 337 -17.12 -10.33 12.28
C LEU B 337 -16.70 -10.39 13.75
N PHE B 338 -16.09 -9.31 14.24
CA PHE B 338 -15.65 -9.29 15.61
C PHE B 338 -16.81 -9.31 16.60
N GLU B 339 -17.87 -8.59 16.26
CA GLU B 339 -19.08 -8.57 17.09
C GLU B 339 -19.69 -9.95 17.18
N GLY B 340 -19.62 -10.69 16.07
CA GLY B 340 -20.18 -12.03 16.01
C GLY B 340 -19.40 -12.92 16.93
N ILE B 341 -18.07 -12.83 16.87
CA ILE B 341 -17.24 -13.66 17.75
C ILE B 341 -17.51 -13.28 19.21
N ARG B 342 -17.67 -11.98 19.47
CA ARG B 342 -17.95 -11.47 20.81
C ARG B 342 -19.23 -12.07 21.38
N LEU B 343 -20.33 -11.90 20.64
CA LEU B 343 -21.63 -12.42 21.05
C LEU B 343 -21.62 -13.94 21.20
N ALA B 344 -20.81 -14.61 20.38
CA ALA B 344 -20.78 -16.09 20.42
C ALA B 344 -19.99 -16.63 21.60
N ASN B 345 -19.08 -15.81 22.13
CA ASN B 345 -18.10 -16.30 23.08
C ASN B 345 -17.43 -17.60 22.64
N SER B 346 -17.12 -17.64 21.35
CA SER B 346 -16.56 -18.81 20.75
C SER B 346 -16.06 -18.39 19.35
N THR B 347 -15.14 -19.16 18.78
CA THR B 347 -14.70 -18.94 17.41
C THR B 347 -15.15 -20.11 16.52
N ASP B 348 -15.93 -21.03 17.09
CA ASP B 348 -16.50 -22.15 16.33
C ASP B 348 -17.33 -21.56 15.18
N PRO B 349 -17.11 -22.03 13.96
CA PRO B 349 -17.70 -21.36 12.78
C PRO B 349 -19.23 -21.28 12.88
N LYS B 350 -19.88 -22.38 13.26
CA LYS B 350 -21.35 -22.33 13.34
C LYS B 350 -21.85 -21.38 14.43
N ALA B 351 -21.13 -21.36 15.55
CA ALA B 351 -21.50 -20.45 16.61
C ALA B 351 -21.30 -18.99 16.16
N VAL B 352 -20.22 -18.69 15.44
CA VAL B 352 -19.97 -17.31 15.03
C VAL B 352 -21.03 -16.86 14.04
N ILE B 353 -21.37 -17.75 13.12
CA ILE B 353 -22.39 -17.48 12.12
C ILE B 353 -23.76 -17.21 12.78
N ALA B 354 -24.15 -18.05 13.75
CA ALA B 354 -25.42 -17.85 14.44
C ALA B 354 -25.41 -16.52 15.19
N ALA B 355 -24.29 -16.18 15.81
CA ALA B 355 -24.17 -14.91 16.52
C ALA B 355 -24.30 -13.70 15.57
N ILE B 356 -23.69 -13.77 14.39
CA ILE B 356 -23.81 -12.66 13.44
C ILE B 356 -25.27 -12.48 13.04
N GLU B 357 -25.95 -13.61 12.86
CA GLU B 357 -27.37 -13.59 12.51
C GLU B 357 -28.24 -13.07 13.67
N SER B 358 -27.69 -12.95 14.87
CA SER B 358 -28.44 -12.38 15.99
C SER B 358 -28.23 -10.86 16.14
N ILE B 359 -27.34 -10.30 15.32
CA ILE B 359 -27.05 -8.86 15.39
C ILE B 359 -28.20 -8.02 14.81
N LYS B 360 -28.74 -7.13 15.62
CA LYS B 360 -29.77 -6.19 15.15
C LYS B 360 -29.37 -4.75 15.43
N ASP B 361 -29.65 -3.88 14.46
CA ASP B 361 -29.39 -2.45 14.59
C ASP B 361 -27.98 -2.14 15.07
N TYR B 362 -27.01 -2.87 14.54
CA TYR B 362 -25.63 -2.52 14.77
C TYR B 362 -25.32 -1.28 13.94
N GLN B 363 -24.87 -0.21 14.59
CA GLN B 363 -24.70 1.07 13.89
C GLN B 363 -23.34 1.14 13.19
N GLY B 364 -23.30 0.64 11.97
CA GLY B 364 -22.08 0.66 11.18
C GLY B 364 -21.85 1.99 10.49
N VAL B 365 -20.69 2.14 9.88
CA VAL B 365 -20.42 3.37 9.15
C VAL B 365 -21.36 3.55 7.97
N ASN B 366 -21.53 2.51 7.16
CA ASN B 366 -22.32 2.64 5.92
C ASN B 366 -23.82 2.55 6.11
N THR B 367 -24.25 1.86 7.16
CA THR B 367 -25.67 1.61 7.36
C THR B 367 -25.82 0.98 8.73
N ALA B 368 -27.05 0.98 9.25
CA ALA B 368 -27.39 0.09 10.36
C ALA B 368 -27.39 -1.34 9.77
N TYR B 369 -26.89 -2.31 10.53
CA TYR B 369 -26.91 -3.71 10.08
C TYR B 369 -27.83 -4.55 10.94
N THR B 370 -28.70 -5.31 10.29
CA THR B 370 -29.53 -6.32 10.97
C THR B 370 -29.49 -7.59 10.13
N PHE B 371 -28.92 -8.64 10.67
CA PHE B 371 -28.78 -9.88 9.93
C PHE B 371 -29.76 -10.91 10.47
N SER B 372 -29.92 -12.01 9.75
CA SER B 372 -30.70 -13.15 10.21
C SER B 372 -30.25 -14.34 9.40
N LYS B 373 -30.88 -15.48 9.65
CA LYS B 373 -30.64 -16.69 8.85
C LYS B 373 -30.82 -16.40 7.36
N GLU B 374 -31.79 -15.56 7.04
CA GLU B 374 -32.13 -15.28 5.64
C GLU B 374 -31.46 -14.03 5.09
N ARG B 375 -31.21 -13.06 5.96
CA ARG B 375 -30.68 -11.77 5.52
C ARG B 375 -29.18 -11.65 5.81
N HIS B 376 -28.38 -11.70 4.75
CA HIS B 376 -26.91 -11.71 4.88
C HIS B 376 -26.26 -10.47 4.26
N HIS B 377 -27.05 -9.42 4.04
CA HIS B 377 -26.53 -8.13 3.54
C HIS B 377 -27.14 -6.98 4.35
N GLY B 378 -26.61 -5.77 4.21
CA GLY B 378 -27.07 -4.68 5.06
C GLY B 378 -27.57 -3.44 4.35
N ILE B 379 -26.84 -3.00 3.36
CA ILE B 379 -27.16 -1.74 2.69
C ILE B 379 -28.42 -1.83 1.83
N GLU B 380 -29.36 -0.91 2.04
CA GLU B 380 -30.60 -0.82 1.25
C GLU B 380 -30.71 0.56 0.57
N THR B 381 -31.78 0.82 -0.16
CA THR B 381 -31.87 2.08 -0.90
C THR B 381 -31.84 3.33 -0.02
N ASP B 382 -32.22 3.19 1.25
CA ASP B 382 -32.20 4.32 2.19
C ASP B 382 -30.78 4.81 2.49
N GLY B 383 -29.78 3.97 2.24
CA GLY B 383 -28.40 4.34 2.52
C GLY B 383 -27.67 4.93 1.33
N VAL B 384 -28.43 5.27 0.30
CA VAL B 384 -27.91 5.54 -1.02
C VAL B 384 -28.59 6.83 -1.55
N LYS B 385 -27.86 7.66 -2.31
CA LYS B 385 -28.45 8.82 -3.00
C LYS B 385 -27.80 9.01 -4.37
N VAL B 386 -28.41 9.84 -5.22
CA VAL B 386 -27.78 10.21 -6.50
C VAL B 386 -27.00 11.52 -6.33
N PHE B 387 -25.75 11.53 -6.80
CA PHE B 387 -24.89 12.70 -6.69
C PHE B 387 -24.36 13.08 -8.04
N GLU B 388 -23.96 14.33 -8.19
CA GLU B 388 -23.36 14.79 -9.44
C GLU B 388 -22.16 15.65 -9.13
N TYR B 389 -21.14 15.57 -9.98
CA TYR B 389 -20.00 16.47 -9.88
C TYR B 389 -20.42 17.86 -10.31
N VAL B 390 -20.20 18.84 -9.43
CA VAL B 390 -20.50 20.23 -9.78
C VAL B 390 -19.38 21.17 -9.35
N LYS B 391 -19.39 22.36 -9.95
CA LYS B 391 -18.40 23.38 -9.62
C LYS B 391 -18.74 24.08 -8.30
N LYS B 392 -17.75 24.13 -7.41
CA LYS B 392 -17.85 24.81 -6.14
C LYS B 392 -16.59 25.64 -5.97
N GLY B 393 -16.67 26.90 -6.36
CA GLY B 393 -15.50 27.76 -6.40
C GLY B 393 -14.56 27.34 -7.51
N ASP B 394 -13.33 26.95 -7.12
CA ASP B 394 -12.34 26.49 -8.09
C ASP B 394 -12.02 25.00 -7.95
N LYS B 395 -12.99 24.25 -7.44
CA LYS B 395 -12.86 22.79 -7.38
C LYS B 395 -14.10 22.09 -7.92
N ILE B 396 -14.05 20.76 -8.00
CA ILE B 396 -15.17 19.96 -8.48
C ILE B 396 -15.58 18.95 -7.42
N ARG B 397 -16.76 19.16 -6.83
CA ARG B 397 -17.24 18.29 -5.77
C ARG B 397 -18.58 17.62 -6.08
N LEU B 398 -18.76 16.42 -5.53
CA LEU B 398 -20.04 15.74 -5.58
C LEU B 398 -21.02 16.45 -4.67
N GLU B 399 -22.24 16.63 -5.13
CA GLU B 399 -23.28 17.24 -4.35
C GLU B 399 -24.52 16.44 -4.68
N PRO B 400 -25.44 16.34 -3.76
CA PRO B 400 -26.67 15.59 -4.02
C PRO B 400 -27.49 16.22 -5.14
N ILE B 401 -28.01 15.36 -5.97
CA ILE B 401 -28.87 15.69 -7.09
C ILE B 401 -29.76 16.91 -6.90
#